data_1W73
#
_entry.id   1W73
#
_cell.length_a   62.948
_cell.length_b   131.737
_cell.length_c   71.295
_cell.angle_alpha   90.00
_cell.angle_beta   92.49
_cell.angle_gamma   90.00
#
_symmetry.space_group_name_H-M   'P 1 21 1'
#
loop_
_entity.id
_entity.type
_entity.pdbx_description
1 polymer '2,4-DIENOYL-COA REDUCTASE'
2 non-polymer GLYCEROL
3 non-polymer 'NADP NICOTINAMIDE-ADENINE-DINUCLEOTIDE PHOSPHATE'
4 water water
#
_entity_poly.entity_id   1
_entity_poly.type   'polypeptide(L)'
_entity_poly.pdbx_seq_one_letter_code
;(MSE)NTEALQSKFFSPLQKA(MSE)LPPNSFQGKVAFITGGGTGLGKG(MSE)TTLLSSLGAQCVIASRK(MSE)DVLK
ATAEQISSQTGNKVHAIQCDVRDPD(MSE)VQNTVSELIKVAGHPNIVINNAAGNFISPTERLSPNAWKTITDIVLNGTA
FVTLEIGKQLIKAQKGAAFLSITTIYAETGSGFVVPSASAKAGVEA(MSE)SKSLAAEWGKYG(MSE)RFNVIQPGPIKT
KGAFSRLDPTGTFEKE(MSE)IGRIPCGRLGTVEELANLAAFLCSDYASWINGAVIKFDGGEEVLISGEFNDLRKVTKEQ
WDTIEELIRKTKGS
;
_entity_poly.pdbx_strand_id   A,B,C,D
#
loop_
_chem_comp.id
_chem_comp.type
_chem_comp.name
_chem_comp.formula
GOL non-polymer GLYCEROL 'C3 H8 O3'
NAP non-polymer 'NADP NICOTINAMIDE-ADENINE-DINUCLEOTIDE PHOSPHATE' 'C21 H28 N7 O17 P3'
#
# COMPACT_ATOMS: atom_id res chain seq x y z
N ASN A 2 1.55 16.79 -31.84
CA ASN A 2 0.65 16.92 -30.65
C ASN A 2 0.92 15.87 -29.56
N THR A 3 -0.02 15.75 -28.61
CA THR A 3 0.05 14.74 -27.55
C THR A 3 -0.09 13.30 -28.09
N GLU A 4 -1.09 13.09 -28.95
CA GLU A 4 -1.33 11.77 -29.54
C GLU A 4 -0.14 11.30 -30.40
N ALA A 5 0.54 12.25 -31.05
CA ALA A 5 1.75 11.94 -31.83
C ALA A 5 2.93 11.49 -30.96
N LEU A 6 3.14 12.15 -29.81
CA LEU A 6 4.21 11.80 -28.87
C LEU A 6 3.99 10.43 -28.19
N GLN A 7 2.74 10.18 -27.79
CA GLN A 7 2.36 8.94 -27.12
C GLN A 7 2.43 7.76 -28.08
N SER A 8 1.92 7.97 -29.28
CA SER A 8 1.96 6.97 -30.32
C SER A 8 3.39 6.63 -30.64
N LYS A 9 4.22 7.65 -30.78
CA LYS A 9 5.62 7.46 -31.15
C LYS A 9 6.40 6.81 -30.01
N PHE A 10 6.14 7.26 -28.78
CA PHE A 10 7.03 6.86 -27.70
C PHE A 10 6.55 5.70 -26.84
N PHE A 11 5.28 5.33 -26.96
CA PHE A 11 4.75 4.18 -26.21
C PHE A 11 4.25 3.08 -27.12
N SER A 12 4.86 2.97 -28.28
CA SER A 12 4.43 2.02 -29.31
C SER A 12 4.53 0.56 -28.86
N PRO A 13 3.45 -0.21 -29.04
CA PRO A 13 3.45 -1.64 -28.67
C PRO A 13 4.45 -2.49 -29.44
N LEU A 14 5.26 -3.28 -28.74
CA LEU A 14 6.08 -4.32 -29.36
C LEU A 14 5.38 -5.67 -29.10
N GLN A 15 4.72 -6.19 -30.13
CA GLN A 15 3.81 -7.32 -29.98
C GLN A 15 4.36 -8.63 -30.52
N LYS A 16 5.67 -8.81 -30.45
CA LYS A 16 6.27 -10.10 -30.78
C LYS A 16 7.01 -10.65 -29.56
N ALA A 17 7.33 -11.94 -29.59
CA ALA A 17 8.00 -12.62 -28.50
C ALA A 17 9.33 -11.95 -28.12
N MSE A 18 9.55 -11.84 -26.82
CA MSE A 18 10.68 -11.14 -26.25
C MSE A 18 11.73 -12.12 -25.71
O MSE A 18 12.93 -11.85 -25.79
CB MSE A 18 10.17 -10.27 -25.11
CG MSE A 18 11.23 -9.53 -24.36
SE MSE A 18 10.48 -8.77 -22.74
CE MSE A 18 9.80 -10.46 -21.84
N LEU A 19 11.26 -13.23 -25.17
CA LEU A 19 12.14 -14.26 -24.63
C LEU A 19 12.75 -15.06 -25.78
N PRO A 20 13.96 -15.60 -25.61
CA PRO A 20 14.63 -16.37 -26.68
C PRO A 20 13.77 -17.52 -27.20
N PRO A 21 13.83 -17.82 -28.50
CA PRO A 21 13.04 -18.92 -29.08
C PRO A 21 13.35 -20.23 -28.38
N ASN A 22 12.34 -21.08 -28.18
CA ASN A 22 12.48 -22.35 -27.45
C ASN A 22 12.95 -22.27 -26.00
N SER A 23 12.90 -21.08 -25.39
CA SER A 23 13.38 -20.94 -24.00
C SER A 23 12.51 -21.66 -22.94
N PHE A 24 11.29 -22.07 -23.33
CA PHE A 24 10.43 -22.84 -22.44
C PHE A 24 10.32 -24.33 -22.82
N GLN A 25 11.22 -24.82 -23.67
CA GLN A 25 11.18 -26.24 -24.06
C GLN A 25 11.42 -27.08 -22.82
N GLY A 26 10.62 -28.13 -22.66
CA GLY A 26 10.69 -28.99 -21.50
C GLY A 26 9.85 -28.52 -20.32
N LYS A 27 9.22 -27.35 -20.43
CA LYS A 27 8.46 -26.84 -19.29
C LYS A 27 6.98 -27.18 -19.49
N VAL A 28 6.27 -27.42 -18.38
CA VAL A 28 4.81 -27.54 -18.46
C VAL A 28 4.05 -26.40 -17.78
N ALA A 29 3.08 -25.85 -18.48
CA ALA A 29 2.30 -24.72 -17.99
C ALA A 29 0.81 -25.06 -17.88
N PHE A 30 0.22 -24.75 -16.74
CA PHE A 30 -1.19 -24.95 -16.48
C PHE A 30 -1.85 -23.58 -16.36
N ILE A 31 -2.80 -23.32 -17.24
CA ILE A 31 -3.48 -22.03 -17.33
C ILE A 31 -5.01 -22.16 -17.18
N THR A 32 -5.60 -21.56 -16.13
CA THR A 32 -7.05 -21.52 -15.99
C THR A 32 -7.61 -20.36 -16.79
N GLY A 33 -8.75 -20.58 -17.42
CA GLY A 33 -9.26 -19.67 -18.41
C GLY A 33 -8.38 -19.62 -19.65
N GLY A 34 -7.55 -20.63 -19.86
CA GLY A 34 -6.62 -20.63 -20.99
C GLY A 34 -7.23 -20.55 -22.40
N GLY A 35 -8.55 -20.71 -22.49
CA GLY A 35 -9.21 -20.80 -23.78
C GLY A 35 -9.64 -19.49 -24.40
N THR A 36 -9.68 -18.43 -23.60
CA THR A 36 -10.17 -17.14 -24.09
C THR A 36 -9.24 -16.01 -23.66
N GLY A 37 -9.41 -14.86 -24.31
CA GLY A 37 -8.83 -13.59 -23.92
C GLY A 37 -7.39 -13.63 -23.48
N LEU A 38 -7.14 -13.12 -22.27
CA LEU A 38 -5.80 -13.03 -21.74
C LEU A 38 -5.15 -14.41 -21.59
N GLY A 39 -5.90 -15.36 -21.05
CA GLY A 39 -5.45 -16.74 -20.94
C GLY A 39 -4.98 -17.38 -22.25
N LYS A 40 -5.76 -17.14 -23.31
CA LYS A 40 -5.42 -17.61 -24.66
C LYS A 40 -4.12 -17.00 -25.15
N GLY A 41 -4.01 -15.68 -25.04
CA GLY A 41 -2.80 -14.99 -25.42
C GLY A 41 -1.59 -15.52 -24.68
N MSE A 42 -1.72 -15.73 -23.38
CA MSE A 42 -0.59 -16.25 -22.60
C MSE A 42 -0.26 -17.68 -22.96
O MSE A 42 0.91 -18.06 -23.05
CB MSE A 42 -0.90 -16.14 -21.11
CG MSE A 42 -1.03 -14.70 -20.62
SE MSE A 42 -1.26 -14.64 -18.66
CE MSE A 42 -3.17 -15.22 -18.52
N THR A 43 -1.29 -18.49 -23.20
CA THR A 43 -1.09 -19.85 -23.68
C THR A 43 -0.37 -19.89 -25.02
N THR A 44 -0.76 -19.03 -25.93
CA THR A 44 -0.18 -18.97 -27.28
C THR A 44 1.32 -18.68 -27.23
N LEU A 45 1.69 -17.64 -26.47
CA LEU A 45 3.11 -17.29 -26.35
C LEU A 45 3.92 -18.41 -25.73
N LEU A 46 3.42 -18.99 -24.64
CA LEU A 46 4.19 -20.03 -23.95
C LEU A 46 4.37 -21.24 -24.85
N SER A 47 3.30 -21.68 -25.51
CA SER A 47 3.36 -22.73 -26.52
C SER A 47 4.41 -22.42 -27.60
N SER A 48 4.43 -21.16 -28.05
CA SER A 48 5.31 -20.76 -29.14
C SER A 48 6.79 -20.77 -28.74
N LEU A 49 7.05 -20.77 -27.44
CA LEU A 49 8.41 -20.73 -26.93
C LEU A 49 8.80 -22.13 -26.46
N GLY A 50 7.93 -23.10 -26.71
CA GLY A 50 8.27 -24.48 -26.46
C GLY A 50 7.60 -25.17 -25.29
N ALA A 51 6.82 -24.44 -24.48
CA ALA A 51 6.17 -25.06 -23.33
C ALA A 51 5.07 -26.05 -23.72
N GLN A 52 4.91 -27.11 -22.93
CA GLN A 52 3.73 -27.97 -23.03
C GLN A 52 2.60 -27.38 -22.17
N CYS A 53 1.56 -26.86 -22.81
CA CYS A 53 0.48 -26.17 -22.08
C CYS A 53 -0.74 -27.02 -21.86
N VAL A 54 -1.37 -26.80 -20.72
CA VAL A 54 -2.61 -27.46 -20.36
C VAL A 54 -3.52 -26.31 -19.98
N ILE A 55 -4.66 -26.22 -20.65
CA ILE A 55 -5.64 -25.17 -20.38
C ILE A 55 -6.92 -25.74 -19.81
N ALA A 56 -7.55 -25.00 -18.89
CA ALA A 56 -8.71 -25.53 -18.19
C ALA A 56 -9.76 -24.47 -17.95
N SER A 57 -11.01 -24.85 -18.21
CA SER A 57 -12.17 -24.02 -17.94
C SER A 57 -13.46 -24.82 -18.17
N ARG A 58 -14.61 -24.19 -18.03
CA ARG A 58 -15.91 -24.89 -18.08
C ARG A 58 -16.31 -25.45 -19.45
N LYS A 59 -16.13 -24.66 -20.51
CA LYS A 59 -16.68 -24.97 -21.82
C LYS A 59 -15.68 -25.77 -22.66
N MSE A 60 -15.87 -27.09 -22.68
CA MSE A 60 -15.01 -28.00 -23.43
C MSE A 60 -14.90 -27.63 -24.90
O MSE A 60 -13.83 -27.76 -25.49
CB MSE A 60 -15.49 -29.44 -23.28
CG MSE A 60 -14.42 -30.51 -23.56
SE MSE A 60 -12.58 -30.04 -22.94
CE MSE A 60 -11.75 -31.83 -23.00
N ASP A 61 -16.01 -27.17 -25.50
CA ASP A 61 -16.03 -26.81 -26.92
C ASP A 61 -15.01 -25.71 -27.29
N VAL A 62 -15.12 -24.54 -26.67
CA VAL A 62 -14.16 -23.45 -26.89
C VAL A 62 -12.74 -23.85 -26.51
N LEU A 63 -12.62 -24.58 -25.41
CA LEU A 63 -11.34 -25.03 -24.90
C LEU A 63 -10.61 -25.91 -25.91
N LYS A 64 -11.27 -26.99 -26.34
CA LYS A 64 -10.72 -27.90 -27.35
C LYS A 64 -10.39 -27.17 -28.66
N ALA A 65 -11.26 -26.25 -29.09
CA ALA A 65 -10.99 -25.47 -30.30
C ALA A 65 -9.69 -24.68 -30.15
N THR A 66 -9.60 -23.86 -29.11
CA THR A 66 -8.40 -23.08 -28.80
C THR A 66 -7.15 -23.94 -28.73
N ALA A 67 -7.24 -25.05 -28.01
CA ALA A 67 -6.10 -25.96 -27.86
C ALA A 67 -5.60 -26.41 -29.23
N GLU A 68 -6.52 -26.82 -30.10
CA GLU A 68 -6.20 -27.27 -31.46
C GLU A 68 -5.61 -26.15 -32.30
N GLN A 69 -6.26 -24.99 -32.28
CA GLN A 69 -5.81 -23.81 -33.01
C GLN A 69 -4.38 -23.38 -32.65
N ILE A 70 -4.04 -23.41 -31.37
CA ILE A 70 -2.70 -23.03 -30.92
C ILE A 70 -1.66 -24.10 -31.28
N SER A 71 -2.03 -25.37 -31.06
CA SER A 71 -1.15 -26.51 -31.35
C SER A 71 -0.70 -26.50 -32.81
N SER A 72 -1.63 -26.22 -33.72
CA SER A 72 -1.34 -26.19 -35.15
C SER A 72 -0.43 -25.03 -35.52
N GLN A 73 -0.58 -23.91 -34.81
CA GLN A 73 0.21 -22.72 -35.05
C GLN A 73 1.64 -22.87 -34.53
N THR A 74 1.82 -23.61 -33.44
CA THR A 74 3.13 -23.70 -32.81
C THR A 74 3.82 -25.04 -33.00
N GLY A 75 3.05 -26.07 -33.37
CA GLY A 75 3.59 -27.41 -33.46
C GLY A 75 3.78 -28.04 -32.10
N ASN A 76 3.43 -27.32 -31.04
CA ASN A 76 3.54 -27.83 -29.67
C ASN A 76 2.17 -28.12 -29.08
N LYS A 77 2.03 -29.29 -28.47
CA LYS A 77 0.73 -29.75 -27.97
C LYS A 77 0.15 -28.92 -26.83
N VAL A 78 -1.12 -28.54 -26.97
CA VAL A 78 -1.90 -27.91 -25.91
C VAL A 78 -3.04 -28.87 -25.51
N HIS A 79 -3.08 -29.29 -24.25
CA HIS A 79 -4.16 -30.16 -23.77
C HIS A 79 -5.29 -29.34 -23.12
N ALA A 80 -6.53 -29.69 -23.43
CA ALA A 80 -7.69 -29.07 -22.81
C ALA A 80 -8.25 -30.00 -21.76
N ILE A 81 -8.60 -29.44 -20.60
CA ILE A 81 -9.32 -30.20 -19.57
C ILE A 81 -10.49 -29.37 -19.08
N GLN A 82 -11.67 -29.99 -19.06
CA GLN A 82 -12.86 -29.32 -18.58
C GLN A 82 -12.82 -29.25 -17.04
N CYS A 83 -13.10 -28.08 -16.49
CA CYS A 83 -13.01 -27.87 -15.03
C CYS A 83 -13.70 -26.59 -14.62
N ASP A 84 -14.61 -26.71 -13.66
CA ASP A 84 -15.15 -25.58 -12.95
C ASP A 84 -14.26 -25.39 -11.70
N VAL A 85 -13.52 -24.29 -11.63
CA VAL A 85 -12.58 -24.09 -10.52
C VAL A 85 -13.26 -23.96 -9.16
N ARG A 86 -14.55 -23.67 -9.15
CA ARG A 86 -15.21 -23.59 -7.87
C ARG A 86 -15.62 -24.95 -7.27
N ASP A 87 -15.36 -26.01 -8.02
CA ASP A 87 -15.68 -27.37 -7.60
C ASP A 87 -14.39 -28.11 -7.21
N PRO A 88 -14.14 -28.28 -5.91
CA PRO A 88 -12.89 -28.88 -5.41
C PRO A 88 -12.63 -30.30 -5.94
N ASP A 89 -13.69 -31.06 -6.19
CA ASP A 89 -13.54 -32.43 -6.70
C ASP A 89 -13.15 -32.43 -8.17
N MSE A 90 -13.71 -31.52 -8.94
CA MSE A 90 -13.29 -31.35 -10.33
C MSE A 90 -11.84 -30.87 -10.40
O MSE A 90 -11.08 -31.32 -11.26
CB MSE A 90 -14.20 -30.36 -11.03
CG MSE A 90 -15.55 -30.93 -11.45
SE MSE A 90 -16.33 -29.85 -12.88
CE MSE A 90 -15.44 -30.57 -14.37
N VAL A 91 -11.47 -29.96 -9.50
CA VAL A 91 -10.10 -29.45 -9.44
C VAL A 91 -9.11 -30.60 -9.20
N GLN A 92 -9.43 -31.47 -8.24
CA GLN A 92 -8.55 -32.60 -7.90
C GLN A 92 -8.38 -33.53 -9.09
N ASN A 93 -9.48 -33.78 -9.79
CA ASN A 93 -9.44 -34.66 -10.94
C ASN A 93 -8.65 -33.97 -12.05
N THR A 94 -8.76 -32.65 -12.12
CA THR A 94 -8.08 -31.89 -13.17
C THR A 94 -6.56 -31.90 -12.98
N VAL A 95 -6.13 -31.75 -11.74
CA VAL A 95 -4.69 -31.72 -11.45
C VAL A 95 -4.11 -33.12 -11.70
N SER A 96 -4.84 -34.13 -11.27
CA SER A 96 -4.44 -35.52 -11.48
C SER A 96 -4.29 -35.79 -12.98
N GLU A 97 -5.25 -35.33 -13.78
CA GLU A 97 -5.10 -35.45 -15.23
C GLU A 97 -3.90 -34.69 -15.81
N LEU A 98 -3.72 -33.45 -15.35
CA LEU A 98 -2.61 -32.61 -15.81
C LEU A 98 -1.27 -33.35 -15.63
N ILE A 99 -1.09 -33.93 -14.46
CA ILE A 99 0.13 -34.65 -14.13
C ILE A 99 0.32 -35.91 -14.97
N LYS A 100 -0.78 -36.57 -15.32
CA LYS A 100 -0.72 -37.77 -16.14
C LYS A 100 -0.46 -37.47 -17.61
N VAL A 101 -1.13 -36.45 -18.17
CA VAL A 101 -0.94 -36.11 -19.58
C VAL A 101 0.31 -35.27 -19.91
N ALA A 102 0.73 -34.39 -19.01
CA ALA A 102 1.86 -33.51 -19.30
C ALA A 102 2.99 -33.66 -18.32
N GLY A 103 2.66 -33.76 -17.03
CA GLY A 103 3.63 -33.77 -15.94
C GLY A 103 3.27 -32.73 -14.87
N HIS A 104 4.03 -32.72 -13.78
CA HIS A 104 3.92 -31.68 -12.78
C HIS A 104 4.22 -30.33 -13.45
N PRO A 105 3.40 -29.31 -13.20
CA PRO A 105 3.60 -28.04 -13.90
C PRO A 105 4.84 -27.29 -13.37
N ASN A 106 5.58 -26.63 -14.25
CA ASN A 106 6.60 -25.68 -13.81
C ASN A 106 6.01 -24.26 -13.65
N ILE A 107 4.85 -24.07 -14.27
CA ILE A 107 4.23 -22.76 -14.39
C ILE A 107 2.74 -22.95 -14.11
N VAL A 108 2.18 -22.13 -13.21
CA VAL A 108 0.75 -22.17 -12.94
C VAL A 108 0.20 -20.76 -13.05
N ILE A 109 -0.75 -20.56 -13.96
CA ILE A 109 -1.36 -19.27 -14.14
C ILE A 109 -2.85 -19.31 -13.80
N ASN A 110 -3.20 -18.66 -12.68
CA ASN A 110 -4.59 -18.50 -12.26
C ASN A 110 -5.23 -17.27 -12.91
N ASN A 111 -6.05 -17.50 -13.93
CA ASN A 111 -6.60 -16.44 -14.77
C ASN A 111 -8.12 -16.50 -14.93
N ALA A 112 -8.71 -17.66 -14.65
CA ALA A 112 -10.18 -17.81 -14.63
C ALA A 112 -10.85 -16.79 -13.71
N ALA A 113 -11.89 -16.13 -14.23
CA ALA A 113 -12.58 -15.09 -13.49
C ALA A 113 -14.01 -14.90 -13.98
N GLY A 114 -14.78 -14.20 -13.17
CA GLY A 114 -16.08 -13.73 -13.55
C GLY A 114 -16.19 -12.35 -12.95
N ASN A 115 -17.10 -11.56 -13.49
CA ASN A 115 -17.30 -10.20 -13.01
C ASN A 115 -18.67 -9.68 -13.44
N PHE A 116 -19.27 -8.85 -12.59
CA PHE A 116 -20.45 -8.08 -12.91
C PHE A 116 -20.05 -6.64 -12.75
N ILE A 117 -20.53 -5.78 -13.64
CA ILE A 117 -20.48 -4.34 -13.44
C ILE A 117 -21.90 -3.94 -13.09
N SER A 118 -22.11 -3.46 -11.86
CA SER A 118 -23.45 -3.25 -11.35
C SER A 118 -23.38 -2.44 -10.08
N PRO A 119 -24.37 -1.57 -9.86
CA PRO A 119 -24.58 -1.03 -8.52
C PRO A 119 -24.69 -2.19 -7.55
N THR A 120 -24.01 -2.06 -6.41
CA THR A 120 -23.92 -3.15 -5.44
C THR A 120 -25.29 -3.50 -4.88
N GLU A 121 -26.14 -2.48 -4.68
CA GLU A 121 -27.56 -2.64 -4.27
C GLU A 121 -28.37 -3.60 -5.09
N ARG A 122 -27.99 -3.81 -6.34
CA ARG A 122 -28.77 -4.68 -7.22
C ARG A 122 -28.28 -6.13 -7.22
N LEU A 123 -27.25 -6.41 -6.44
CA LEU A 123 -26.71 -7.77 -6.38
C LEU A 123 -27.44 -8.60 -5.36
N SER A 124 -27.84 -9.80 -5.77
CA SER A 124 -28.28 -10.81 -4.83
C SER A 124 -27.06 -11.41 -4.11
N PRO A 125 -27.28 -11.97 -2.93
CA PRO A 125 -26.25 -12.78 -2.25
C PRO A 125 -25.59 -13.82 -3.17
N ASN A 126 -26.39 -14.51 -3.97
CA ASN A 126 -25.88 -15.54 -4.88
C ASN A 126 -24.96 -14.96 -5.96
N ALA A 127 -25.28 -13.78 -6.45
CA ALA A 127 -24.47 -13.13 -7.48
C ALA A 127 -23.09 -12.78 -6.90
N TRP A 128 -23.08 -12.27 -5.68
CA TRP A 128 -21.88 -11.92 -4.97
C TRP A 128 -21.02 -13.16 -4.76
N LYS A 129 -21.66 -14.20 -4.21
CA LYS A 129 -21.03 -15.47 -3.93
C LYS A 129 -20.46 -16.11 -5.19
N THR A 130 -21.15 -15.98 -6.32
CA THR A 130 -20.63 -16.53 -7.57
C THR A 130 -19.23 -15.99 -7.93
N ILE A 131 -19.04 -14.68 -7.85
CA ILE A 131 -17.75 -14.05 -8.14
C ILE A 131 -16.68 -14.50 -7.15
N THR A 132 -17.02 -14.51 -5.86
CA THR A 132 -16.11 -14.94 -4.82
C THR A 132 -15.65 -16.38 -5.04
N ASP A 133 -16.61 -17.25 -5.34
CA ASP A 133 -16.32 -18.65 -5.62
C ASP A 133 -15.37 -18.84 -6.81
N ILE A 134 -15.64 -18.17 -7.93
CA ILE A 134 -14.82 -18.37 -9.12
C ILE A 134 -13.40 -17.83 -8.91
N VAL A 135 -13.31 -16.59 -8.44
CA VAL A 135 -12.05 -15.87 -8.40
C VAL A 135 -11.18 -16.29 -7.22
N LEU A 136 -11.71 -16.16 -6.00
CA LEU A 136 -10.94 -16.42 -4.78
C LEU A 136 -10.84 -17.91 -4.44
N ASN A 137 -11.98 -18.57 -4.28
CA ASN A 137 -11.97 -19.99 -3.93
C ASN A 137 -11.44 -20.85 -5.07
N GLY A 138 -11.78 -20.50 -6.29
CA GLY A 138 -11.27 -21.21 -7.44
C GLY A 138 -9.75 -21.16 -7.52
N THR A 139 -9.20 -19.97 -7.27
CA THR A 139 -7.74 -19.81 -7.28
C THR A 139 -7.12 -20.58 -6.13
N ALA A 140 -7.73 -20.49 -4.95
CA ALA A 140 -7.25 -21.23 -3.78
C ALA A 140 -7.28 -22.74 -3.98
N PHE A 141 -8.39 -23.27 -4.51
CA PHE A 141 -8.52 -24.69 -4.74
C PHE A 141 -7.44 -25.18 -5.70
N VAL A 142 -7.28 -24.46 -6.82
CA VAL A 142 -6.25 -24.82 -7.80
C VAL A 142 -4.85 -24.77 -7.17
N THR A 143 -4.58 -23.73 -6.38
CA THR A 143 -3.26 -23.57 -5.77
C THR A 143 -3.01 -24.62 -4.70
N LEU A 144 -4.00 -24.85 -3.86
CA LEU A 144 -3.93 -25.86 -2.81
C LEU A 144 -3.62 -27.24 -3.34
N GLU A 145 -4.34 -27.64 -4.37
CA GLU A 145 -4.18 -28.98 -4.92
C GLU A 145 -2.83 -29.18 -5.62
N ILE A 146 -2.47 -28.25 -6.52
CA ILE A 146 -1.17 -28.31 -7.18
C ILE A 146 -0.03 -28.22 -6.17
N GLY A 147 -0.15 -27.29 -5.22
CA GLY A 147 0.87 -27.16 -4.18
C GLY A 147 1.10 -28.46 -3.42
N LYS A 148 0.02 -29.11 -3.00
CA LYS A 148 0.10 -30.41 -2.31
C LYS A 148 0.81 -31.47 -3.16
N GLN A 149 0.49 -31.53 -4.45
CA GLN A 149 1.13 -32.49 -5.35
C GLN A 149 2.59 -32.15 -5.56
N LEU A 150 2.89 -30.86 -5.73
CA LEU A 150 4.26 -30.42 -5.91
C LEU A 150 5.12 -30.75 -4.68
N ILE A 151 4.58 -30.50 -3.49
CA ILE A 151 5.26 -30.85 -2.23
C ILE A 151 5.53 -32.35 -2.15
N LYS A 152 4.52 -33.14 -2.46
CA LYS A 152 4.60 -34.61 -2.42
C LYS A 152 5.72 -35.09 -3.35
N ALA A 153 5.82 -34.48 -4.52
CA ALA A 153 6.80 -34.85 -5.53
C ALA A 153 8.17 -34.22 -5.31
N GLN A 154 8.27 -33.30 -4.35
CA GLN A 154 9.50 -32.50 -4.17
C GLN A 154 9.84 -31.73 -5.42
N LYS A 155 8.83 -31.07 -6.00
CA LYS A 155 9.06 -30.21 -7.13
C LYS A 155 8.56 -28.80 -6.79
N GLY A 156 9.07 -27.79 -7.51
CA GLY A 156 8.62 -26.43 -7.33
C GLY A 156 8.04 -25.89 -8.62
N ALA A 157 7.62 -24.63 -8.60
CA ALA A 157 6.94 -24.00 -9.72
C ALA A 157 6.80 -22.49 -9.50
N ALA A 158 6.65 -21.77 -10.60
CA ALA A 158 6.34 -20.34 -10.56
C ALA A 158 4.85 -20.19 -10.75
N PHE A 159 4.23 -19.48 -9.80
CA PHE A 159 2.80 -19.24 -9.80
C PHE A 159 2.55 -17.79 -10.18
N LEU A 160 1.51 -17.57 -10.96
CA LEU A 160 1.17 -16.21 -11.38
C LEU A 160 -0.33 -16.06 -11.31
N SER A 161 -0.79 -14.99 -10.66
CA SER A 161 -2.19 -14.64 -10.65
C SER A 161 -2.40 -13.33 -11.37
N ILE A 162 -3.45 -13.28 -12.19
CA ILE A 162 -3.85 -12.07 -12.89
C ILE A 162 -4.99 -11.49 -12.09
N THR A 163 -4.79 -10.28 -11.54
CA THR A 163 -5.86 -9.65 -10.81
C THR A 163 -6.33 -8.41 -11.57
N THR A 164 -6.14 -7.22 -11.02
CA THR A 164 -6.64 -6.01 -11.64
C THR A 164 -6.17 -4.82 -10.84
N ILE A 165 -6.12 -3.65 -11.46
CA ILE A 165 -5.69 -2.45 -10.72
C ILE A 165 -6.62 -2.11 -9.56
N TYR A 166 -7.89 -2.50 -9.62
CA TYR A 166 -8.80 -2.15 -8.53
C TYR A 166 -8.80 -3.15 -7.37
N ALA A 167 -7.98 -4.20 -7.48
CA ALA A 167 -7.82 -5.14 -6.38
C ALA A 167 -7.16 -4.47 -5.17
N GLU A 168 -6.25 -3.53 -5.41
CA GLU A 168 -5.56 -2.84 -4.32
C GLU A 168 -6.31 -1.61 -3.79
N THR A 169 -7.05 -0.93 -4.66
CA THR A 169 -7.68 0.32 -4.30
C THR A 169 -9.10 0.09 -3.84
N GLY A 170 -9.68 -1.03 -4.23
CA GLY A 170 -11.13 -1.20 -4.23
C GLY A 170 -11.73 -0.40 -5.38
N SER A 171 -13.03 -0.59 -5.62
CA SER A 171 -13.78 0.24 -6.56
C SER A 171 -15.27 -0.03 -6.46
N GLY A 172 -16.07 1.03 -6.41
CA GLY A 172 -17.51 0.89 -6.62
C GLY A 172 -17.83 0.17 -7.92
N PHE A 173 -19.00 -0.48 -7.96
CA PHE A 173 -19.56 -1.12 -9.15
C PHE A 173 -18.99 -2.47 -9.57
N VAL A 174 -17.86 -2.86 -8.97
CA VAL A 174 -17.23 -4.17 -9.22
C VAL A 174 -16.79 -4.76 -7.87
N VAL A 175 -17.63 -4.60 -6.86
CA VAL A 175 -17.26 -4.87 -5.47
C VAL A 175 -16.92 -6.35 -5.17
N PRO A 176 -17.76 -7.31 -5.57
CA PRO A 176 -17.40 -8.72 -5.39
C PRO A 176 -16.07 -9.05 -6.04
N SER A 177 -15.86 -8.55 -7.26
CA SER A 177 -14.63 -8.80 -7.99
C SER A 177 -13.46 -8.11 -7.30
N ALA A 178 -13.64 -6.85 -6.86
CA ALA A 178 -12.57 -6.15 -6.14
C ALA A 178 -12.14 -6.92 -4.89
N SER A 179 -13.12 -7.40 -4.13
CA SER A 179 -12.85 -8.14 -2.90
C SER A 179 -12.14 -9.46 -3.16
N ALA A 180 -12.66 -10.23 -4.12
CA ALA A 180 -12.13 -11.54 -4.41
C ALA A 180 -10.69 -11.43 -4.97
N LYS A 181 -10.47 -10.46 -5.87
CA LYS A 181 -9.16 -10.22 -6.43
C LYS A 181 -8.16 -9.76 -5.38
N ALA A 182 -8.61 -8.98 -4.40
CA ALA A 182 -7.75 -8.54 -3.32
C ALA A 182 -7.34 -9.74 -2.46
N GLY A 183 -8.29 -10.66 -2.21
CA GLY A 183 -8.01 -11.91 -1.54
C GLY A 183 -6.98 -12.73 -2.30
N VAL A 184 -7.08 -12.73 -3.63
CA VAL A 184 -6.10 -13.41 -4.46
C VAL A 184 -4.70 -12.81 -4.25
N GLU A 185 -4.61 -11.49 -4.16
CA GLU A 185 -3.30 -10.88 -3.94
C GLU A 185 -2.71 -11.19 -2.59
N ALA A 186 -3.55 -11.17 -1.54
CA ALA A 186 -3.08 -11.52 -0.19
C ALA A 186 -2.62 -12.98 -0.16
N MSE A 187 -3.31 -13.85 -0.89
CA MSE A 187 -2.94 -15.24 -0.97
C MSE A 187 -1.55 -15.42 -1.56
O MSE A 187 -0.78 -16.23 -1.06
CB MSE A 187 -3.95 -16.05 -1.78
CG MSE A 187 -3.64 -17.52 -1.81
SE MSE A 187 -4.55 -18.55 -3.22
CE MSE A 187 -6.37 -17.66 -3.09
N SER A 188 -1.27 -14.71 -2.67
CA SER A 188 0.03 -14.80 -3.35
C SER A 188 1.14 -14.39 -2.41
N LYS A 189 0.93 -13.28 -1.71
CA LYS A 189 1.94 -12.77 -0.78
C LYS A 189 2.16 -13.74 0.39
N SER A 190 1.08 -14.36 0.86
CA SER A 190 1.15 -15.33 1.95
C SER A 190 1.96 -16.56 1.55
N LEU A 191 1.69 -17.06 0.35
CA LEU A 191 2.31 -18.30 -0.12
C LEU A 191 3.72 -18.08 -0.67
N ALA A 192 4.01 -16.88 -1.16
CA ALA A 192 5.37 -16.48 -1.48
C ALA A 192 6.26 -16.71 -0.26
N ALA A 193 5.76 -16.31 0.91
CA ALA A 193 6.48 -16.49 2.17
C ALA A 193 6.47 -17.92 2.66
N GLU A 194 5.29 -18.54 2.69
CA GLU A 194 5.13 -19.88 3.25
C GLU A 194 5.77 -21.00 2.44
N TRP A 195 5.72 -20.88 1.11
CA TRP A 195 6.04 -22.00 0.23
C TRP A 195 7.34 -21.84 -0.57
N GLY A 196 8.05 -20.72 -0.33
CA GLY A 196 9.40 -20.57 -0.87
C GLY A 196 10.26 -21.78 -0.53
N LYS A 197 10.16 -22.25 0.72
CA LYS A 197 10.89 -23.43 1.19
C LYS A 197 10.62 -24.70 0.36
N TYR A 198 9.55 -24.70 -0.42
CA TYR A 198 9.23 -25.84 -1.26
C TYR A 198 9.61 -25.59 -2.71
N GLY A 199 10.26 -24.48 -2.98
CA GLY A 199 10.64 -24.12 -4.33
C GLY A 199 9.50 -23.51 -5.14
N MSE A 200 8.50 -22.95 -4.47
CA MSE A 200 7.39 -22.27 -5.12
C MSE A 200 7.49 -20.76 -4.92
O MSE A 200 7.66 -20.27 -3.79
CB MSE A 200 6.05 -22.78 -4.60
CG MSE A 200 5.76 -24.22 -5.02
SE MSE A 200 3.97 -24.84 -4.47
CE MSE A 200 4.42 -25.75 -2.77
N ARG A 201 7.37 -20.02 -6.02
CA ARG A 201 7.29 -18.55 -5.94
C ARG A 201 5.95 -18.04 -6.51
N PHE A 202 5.47 -16.89 -6.01
CA PHE A 202 4.13 -16.39 -6.35
C PHE A 202 4.16 -14.90 -6.67
N ASN A 203 3.71 -14.54 -7.87
CA ASN A 203 3.63 -13.14 -8.28
C ASN A 203 2.26 -12.80 -8.86
N VAL A 204 2.04 -11.50 -9.04
CA VAL A 204 0.76 -11.00 -9.48
C VAL A 204 0.99 -9.96 -10.57
N ILE A 205 0.13 -9.95 -11.58
CA ILE A 205 0.03 -8.81 -12.50
C ILE A 205 -1.34 -8.16 -12.32
N GLN A 206 -1.35 -6.84 -12.20
CA GLN A 206 -2.57 -6.06 -12.11
C GLN A 206 -2.80 -5.34 -13.44
N PRO A 207 -3.59 -5.89 -14.34
CA PRO A 207 -3.78 -5.24 -15.65
C PRO A 207 -4.77 -4.10 -15.58
N GLY A 208 -4.52 -3.07 -16.39
CA GLY A 208 -5.54 -2.09 -16.68
C GLY A 208 -6.28 -2.56 -17.92
N PRO A 209 -6.91 -1.65 -18.65
CA PRO A 209 -7.77 -2.00 -19.79
C PRO A 209 -6.99 -2.48 -21.01
N ILE A 210 -7.30 -3.68 -21.44
CA ILE A 210 -6.62 -4.31 -22.57
C ILE A 210 -7.60 -4.47 -23.73
N LYS A 211 -7.16 -4.16 -24.95
CA LYS A 211 -8.00 -4.41 -26.14
C LYS A 211 -8.42 -5.88 -26.16
N THR A 212 -9.63 -6.14 -25.67
CA THR A 212 -10.20 -7.47 -25.40
C THR A 212 -9.25 -8.48 -24.73
N LEU A 219 -21.76 -2.77 -24.75
CA LEU A 219 -21.59 -1.78 -23.69
C LEU A 219 -21.22 -0.40 -24.23
N ASP A 220 -20.35 -0.38 -25.24
CA ASP A 220 -19.87 0.85 -25.86
C ASP A 220 -20.15 0.87 -27.37
N PRO A 221 -21.41 1.10 -27.74
CA PRO A 221 -21.84 0.99 -29.14
C PRO A 221 -21.28 2.08 -30.08
N THR A 222 -21.05 3.29 -29.56
CA THR A 222 -20.54 4.39 -30.40
C THR A 222 -19.01 4.45 -30.47
N GLY A 223 -18.34 3.84 -29.49
CA GLY A 223 -16.88 3.90 -29.39
C GLY A 223 -16.37 5.08 -28.57
N THR A 224 -17.30 5.82 -27.95
CA THR A 224 -16.94 7.03 -27.19
C THR A 224 -16.50 6.76 -25.76
N PHE A 225 -16.96 5.65 -25.17
CA PHE A 225 -16.51 5.25 -23.84
C PHE A 225 -15.05 4.82 -23.85
N GLU A 226 -14.65 4.04 -24.87
CA GLU A 226 -13.25 3.67 -25.07
C GLU A 226 -12.37 4.89 -25.24
N LYS A 227 -12.83 5.85 -26.04
CA LYS A 227 -12.12 7.09 -26.27
C LYS A 227 -11.96 7.92 -24.98
N GLU A 228 -12.96 7.85 -24.10
CA GLU A 228 -12.91 8.55 -22.81
C GLU A 228 -12.07 7.80 -21.77
N MSE A 229 -11.92 6.49 -21.97
CA MSE A 229 -11.07 5.67 -21.12
C MSE A 229 -9.61 6.00 -21.35
O MSE A 229 -8.81 6.03 -20.40
CB MSE A 229 -11.28 4.21 -21.45
CG MSE A 229 -11.90 3.41 -20.34
SE MSE A 229 -12.19 1.61 -21.02
CE MSE A 229 -12.61 0.72 -19.24
N ILE A 230 -9.27 6.22 -22.62
CA ILE A 230 -7.91 6.55 -23.05
C ILE A 230 -7.43 7.87 -22.44
N GLY A 231 -8.34 8.82 -22.26
CA GLY A 231 -8.02 10.10 -21.64
C GLY A 231 -7.59 9.96 -20.19
N ARG A 232 -7.86 8.80 -19.59
CA ARG A 232 -7.45 8.47 -18.23
C ARG A 232 -6.16 7.63 -18.20
N ILE A 233 -5.52 7.47 -19.36
CA ILE A 233 -4.31 6.67 -19.47
C ILE A 233 -3.09 7.49 -19.98
N PRO A 234 -2.11 7.74 -19.11
CA PRO A 234 -0.89 8.46 -19.49
C PRO A 234 -0.23 7.94 -20.78
N CYS A 235 -0.21 6.63 -20.98
CA CYS A 235 0.40 6.07 -22.18
C CYS A 235 -0.45 6.29 -23.44
N GLY A 236 -1.69 6.71 -23.26
CA GLY A 236 -2.51 7.18 -24.38
C GLY A 236 -3.09 6.12 -25.31
N ARG A 237 -3.18 4.88 -24.84
CA ARG A 237 -3.74 3.76 -25.57
C ARG A 237 -4.10 2.67 -24.55
N LEU A 238 -4.84 1.66 -25.00
CA LEU A 238 -5.11 0.47 -24.20
C LEU A 238 -3.93 -0.49 -24.38
N GLY A 239 -3.78 -1.46 -23.50
CA GLY A 239 -2.70 -2.43 -23.62
C GLY A 239 -3.09 -3.50 -24.61
N THR A 240 -2.12 -4.28 -25.07
CA THR A 240 -2.40 -5.44 -25.90
C THR A 240 -2.11 -6.74 -25.15
N VAL A 241 -2.74 -7.81 -25.64
CA VAL A 241 -2.64 -9.17 -25.09
C VAL A 241 -1.21 -9.70 -25.18
N GLU A 242 -0.56 -9.40 -26.30
CA GLU A 242 0.78 -9.84 -26.57
C GLU A 242 1.77 -9.21 -25.59
N GLU A 243 1.55 -7.95 -25.24
CA GLU A 243 2.39 -7.26 -24.27
C GLU A 243 2.22 -7.85 -22.90
N LEU A 244 0.96 -8.07 -22.51
CA LEU A 244 0.66 -8.72 -21.24
C LEU A 244 1.30 -10.08 -21.17
N ALA A 245 1.18 -10.83 -22.26
CA ALA A 245 1.74 -12.16 -22.36
C ALA A 245 3.24 -12.13 -22.17
N ASN A 246 3.91 -11.12 -22.73
CA ASN A 246 5.37 -10.99 -22.55
C ASN A 246 5.76 -10.80 -21.09
N LEU A 247 5.03 -9.93 -20.38
CA LEU A 247 5.29 -9.74 -18.95
C LEU A 247 5.03 -11.04 -18.18
N ALA A 248 3.92 -11.71 -18.48
CA ALA A 248 3.59 -12.96 -17.83
C ALA A 248 4.68 -14.04 -18.02
N ALA A 249 5.14 -14.18 -19.26
CA ALA A 249 6.20 -15.15 -19.57
C ALA A 249 7.52 -14.81 -18.87
N PHE A 250 7.87 -13.51 -18.82
CA PHE A 250 9.03 -13.10 -18.04
C PHE A 250 8.91 -13.56 -16.58
N LEU A 251 7.80 -13.21 -15.92
CA LEU A 251 7.59 -13.57 -14.52
C LEU A 251 7.58 -15.09 -14.29
N CYS A 252 7.20 -15.86 -15.31
CA CYS A 252 7.16 -17.31 -15.17
C CYS A 252 8.44 -17.99 -15.67
N SER A 253 9.45 -17.19 -16.02
CA SER A 253 10.67 -17.72 -16.61
C SER A 253 11.73 -17.82 -15.54
N ASP A 254 12.78 -18.58 -15.84
CA ASP A 254 13.89 -18.70 -14.90
C ASP A 254 14.70 -17.40 -14.78
N TYR A 255 14.51 -16.45 -15.69
CA TYR A 255 15.14 -15.13 -15.54
C TYR A 255 14.60 -14.37 -14.33
N ALA A 256 13.45 -14.82 -13.84
CA ALA A 256 12.75 -14.17 -12.74
C ALA A 256 12.70 -15.06 -11.52
N SER A 257 13.69 -15.97 -11.40
CA SER A 257 13.71 -16.97 -10.34
C SER A 257 13.89 -16.36 -8.93
N TRP A 258 14.33 -15.11 -8.87
CA TRP A 258 14.42 -14.40 -7.60
C TRP A 258 13.26 -13.38 -7.40
N ILE A 259 12.31 -13.33 -8.34
CA ILE A 259 11.11 -12.49 -8.17
C ILE A 259 9.98 -13.28 -7.51
N ASN A 260 9.57 -12.82 -6.34
CA ASN A 260 8.69 -13.59 -5.48
C ASN A 260 7.94 -12.65 -4.54
N GLY A 261 6.62 -12.70 -4.57
CA GLY A 261 5.78 -11.80 -3.78
C GLY A 261 5.58 -10.44 -4.45
N ALA A 262 5.90 -10.34 -5.74
CA ALA A 262 5.84 -9.06 -6.43
C ALA A 262 4.46 -8.86 -7.04
N VAL A 263 4.10 -7.58 -7.19
CA VAL A 263 2.82 -7.19 -7.75
C VAL A 263 3.12 -6.13 -8.78
N ILE A 264 2.87 -6.44 -10.06
CA ILE A 264 3.26 -5.55 -11.13
C ILE A 264 2.06 -4.94 -11.85
N LYS A 265 1.91 -3.63 -11.78
CA LYS A 265 0.88 -2.96 -12.57
C LYS A 265 1.26 -2.97 -14.03
N PHE A 266 0.30 -3.33 -14.88
CA PHE A 266 0.44 -3.26 -16.33
C PHE A 266 -0.80 -2.46 -16.78
N ASP A 267 -0.69 -1.15 -16.86
CA ASP A 267 -1.88 -0.30 -16.94
C ASP A 267 -1.71 1.01 -17.68
N GLY A 268 -0.59 1.18 -18.39
CA GLY A 268 -0.31 2.42 -19.10
C GLY A 268 -0.22 3.64 -18.22
N GLY A 269 -0.11 3.44 -16.91
CA GLY A 269 -0.09 4.55 -15.97
C GLY A 269 -1.44 4.96 -15.47
N GLU A 270 -2.48 4.18 -15.77
CA GLU A 270 -3.84 4.57 -15.38
C GLU A 270 -4.01 4.72 -13.87
N GLU A 271 -3.56 3.74 -13.09
CA GLU A 271 -3.79 3.80 -11.64
C GLU A 271 -3.14 5.02 -11.01
N VAL A 272 -1.90 5.35 -11.38
CA VAL A 272 -1.30 6.55 -10.82
C VAL A 272 -2.01 7.83 -11.29
N LEU A 273 -2.45 7.84 -12.55
CA LEU A 273 -3.21 9.01 -13.01
C LEU A 273 -4.49 9.22 -12.16
N ILE A 274 -5.37 8.23 -12.10
CA ILE A 274 -6.65 8.48 -11.42
C ILE A 274 -6.50 8.66 -9.89
N SER A 275 -5.54 7.98 -9.29
CA SER A 275 -5.33 8.06 -7.83
C SER A 275 -4.71 9.38 -7.34
N GLY A 276 -4.06 10.14 -8.22
CA GLY A 276 -3.40 11.37 -7.80
C GLY A 276 -4.35 12.55 -7.63
N GLU A 277 -4.46 13.07 -6.41
CA GLU A 277 -5.43 14.11 -6.08
C GLU A 277 -5.51 15.30 -7.08
N PHE A 278 -4.36 15.76 -7.56
CA PHE A 278 -4.31 16.94 -8.38
C PHE A 278 -4.12 16.67 -9.87
N ASN A 279 -4.28 15.42 -10.26
CA ASN A 279 -4.09 15.04 -11.65
C ASN A 279 -5.17 15.59 -12.59
N ASP A 280 -6.33 15.94 -12.05
CA ASP A 280 -7.38 16.62 -12.80
C ASP A 280 -6.90 17.99 -13.35
N LEU A 281 -5.83 18.53 -12.77
CA LEU A 281 -5.21 19.76 -13.26
C LEU A 281 -4.50 19.60 -14.61
N ARG A 282 -4.50 18.39 -15.15
CA ARG A 282 -3.95 18.16 -16.49
C ARG A 282 -4.75 18.87 -17.60
N LYS A 283 -5.96 19.31 -17.28
CA LYS A 283 -6.82 20.03 -18.23
C LYS A 283 -6.39 21.48 -18.40
N VAL A 284 -5.77 22.03 -17.36
CA VAL A 284 -5.32 23.42 -17.34
C VAL A 284 -4.32 23.71 -18.47
N THR A 285 -4.59 24.76 -19.23
CA THR A 285 -3.75 25.12 -20.39
C THR A 285 -2.53 25.95 -19.97
N LYS A 286 -1.58 26.09 -20.88
CA LYS A 286 -0.38 26.91 -20.66
C LYS A 286 -0.72 28.35 -20.26
N GLU A 287 -1.72 28.93 -20.92
CA GLU A 287 -2.15 30.32 -20.68
C GLU A 287 -2.79 30.50 -19.30
N GLN A 288 -3.56 29.50 -18.87
CA GLN A 288 -4.17 29.50 -17.55
C GLN A 288 -3.10 29.44 -16.46
N TRP A 289 -2.10 28.58 -16.66
CA TRP A 289 -0.97 28.47 -15.74
C TRP A 289 -0.19 29.79 -15.62
N ASP A 290 -0.08 30.51 -16.73
CA ASP A 290 0.57 31.83 -16.76
C ASP A 290 -0.06 32.85 -15.81
N THR A 291 -1.35 32.65 -15.48
CA THR A 291 -2.07 33.53 -14.56
C THR A 291 -2.03 33.03 -13.11
N ILE A 292 -2.19 31.73 -12.91
CA ILE A 292 -2.14 31.13 -11.56
C ILE A 292 -0.77 31.32 -10.90
N GLU A 293 0.30 31.23 -11.70
CA GLU A 293 1.67 31.47 -11.24
C GLU A 293 1.95 32.98 -11.06
N GLU A 294 1.12 33.82 -11.67
CA GLU A 294 1.22 35.27 -11.53
C GLU A 294 0.29 35.80 -10.43
N LEU A 295 0.47 35.25 -9.22
CA LEU A 295 -0.34 35.63 -8.06
C LEU A 295 0.42 35.31 -6.75
N MSE B 1 14.15 -34.07 -1.03
CA MSE B 1 15.33 -33.23 -0.75
C MSE B 1 14.98 -32.12 0.22
O MSE B 1 13.82 -31.79 0.38
CB MSE B 1 15.96 -32.74 -2.07
CG MSE B 1 15.31 -31.56 -2.75
SE MSE B 1 15.42 -31.73 -4.73
CE MSE B 1 16.73 -30.46 -5.12
N ASN B 2 15.99 -31.58 0.91
CA ASN B 2 15.75 -30.58 1.93
C ASN B 2 15.41 -29.19 1.35
N THR B 3 15.00 -28.30 2.25
CA THR B 3 14.71 -26.89 1.93
C THR B 3 15.79 -26.27 1.04
N GLU B 4 17.04 -26.37 1.49
CA GLU B 4 18.14 -25.68 0.83
C GLU B 4 18.28 -26.13 -0.62
N ALA B 5 18.08 -27.43 -0.84
CA ALA B 5 18.25 -28.05 -2.14
C ALA B 5 17.06 -27.71 -3.08
N LEU B 6 15.86 -27.71 -2.53
CA LEU B 6 14.68 -27.27 -3.29
C LEU B 6 14.85 -25.82 -3.76
N GLN B 7 15.26 -24.95 -2.83
CA GLN B 7 15.50 -23.54 -3.13
C GLN B 7 16.59 -23.39 -4.18
N SER B 8 17.64 -24.19 -4.03
CA SER B 8 18.73 -24.20 -5.00
C SER B 8 18.26 -24.69 -6.35
N LYS B 9 17.43 -25.71 -6.39
CA LYS B 9 17.03 -26.29 -7.68
C LYS B 9 15.96 -25.45 -8.39
N PHE B 10 15.04 -24.88 -7.64
CA PHE B 10 13.94 -24.22 -8.29
C PHE B 10 14.05 -22.71 -8.36
N PHE B 11 15.05 -22.13 -7.70
CA PHE B 11 15.27 -20.68 -7.79
C PHE B 11 16.66 -20.32 -8.33
N SER B 12 17.23 -21.18 -9.18
CA SER B 12 18.58 -20.99 -9.65
C SER B 12 18.72 -19.74 -10.51
N PRO B 13 19.79 -18.95 -10.31
CA PRO B 13 19.98 -17.73 -11.10
C PRO B 13 20.33 -18.02 -12.56
N LEU B 14 19.72 -17.28 -13.47
CA LEU B 14 20.09 -17.29 -14.87
C LEU B 14 20.77 -15.95 -15.12
N GLN B 15 22.09 -15.95 -15.12
CA GLN B 15 22.85 -14.71 -15.13
C GLN B 15 23.34 -14.32 -16.54
N LYS B 16 22.54 -14.65 -17.55
CA LYS B 16 22.86 -14.29 -18.92
C LYS B 16 21.81 -13.33 -19.44
N ALA B 17 22.15 -12.60 -20.51
CA ALA B 17 21.26 -11.60 -21.09
C ALA B 17 19.96 -12.25 -21.55
N MSE B 18 18.85 -11.61 -21.22
CA MSE B 18 17.55 -12.15 -21.53
C MSE B 18 16.98 -11.65 -22.84
O MSE B 18 16.34 -12.41 -23.59
CB MSE B 18 16.60 -11.82 -20.40
CG MSE B 18 15.18 -12.14 -20.70
SE MSE B 18 14.11 -11.62 -19.19
CE MSE B 18 13.89 -9.69 -19.63
N LEU B 19 17.18 -10.36 -23.11
CA LEU B 19 16.61 -9.72 -24.28
C LEU B 19 17.43 -10.06 -25.53
N PRO B 20 16.84 -9.96 -26.73
CA PRO B 20 17.52 -10.33 -27.97
C PRO B 20 18.78 -9.50 -28.25
N PRO B 21 19.85 -10.15 -28.74
CA PRO B 21 21.09 -9.45 -29.09
C PRO B 21 20.87 -8.18 -29.92
N ASN B 22 21.61 -7.13 -29.58
CA ASN B 22 21.49 -5.80 -30.21
C ASN B 22 20.10 -5.12 -30.20
N SER B 23 19.22 -5.55 -29.31
CA SER B 23 17.88 -4.97 -29.17
C SER B 23 17.85 -3.54 -28.63
N PHE B 24 18.96 -3.10 -28.04
CA PHE B 24 19.09 -1.69 -27.62
C PHE B 24 19.93 -0.84 -28.58
N GLN B 25 20.24 -1.36 -29.76
CA GLN B 25 20.90 -0.57 -30.81
C GLN B 25 20.11 0.70 -31.11
N GLY B 26 20.81 1.82 -31.15
CA GLY B 26 20.19 3.11 -31.41
C GLY B 26 19.52 3.76 -30.21
N LYS B 27 19.74 3.19 -29.03
CA LYS B 27 19.23 3.77 -27.78
C LYS B 27 20.38 4.36 -26.97
N VAL B 28 20.13 5.50 -26.34
CA VAL B 28 21.10 6.05 -25.42
C VAL B 28 20.59 5.98 -23.99
N ALA B 29 21.44 5.48 -23.09
CA ALA B 29 21.13 5.33 -21.69
C ALA B 29 22.03 6.20 -20.82
N PHE B 30 21.41 6.86 -19.84
CA PHE B 30 22.09 7.68 -18.86
C PHE B 30 21.88 7.02 -17.49
N ILE B 31 22.97 6.61 -16.87
CA ILE B 31 22.92 5.92 -15.59
C ILE B 31 23.72 6.68 -14.55
N THR B 32 23.07 7.16 -13.48
CA THR B 32 23.83 7.77 -12.38
C THR B 32 24.34 6.67 -11.47
N GLY B 33 25.54 6.85 -10.94
CA GLY B 33 26.18 5.81 -10.14
C GLY B 33 26.54 4.58 -10.97
N GLY B 34 26.63 4.77 -12.28
CA GLY B 34 26.86 3.66 -13.19
C GLY B 34 28.28 3.11 -13.18
N GLY B 35 29.16 3.66 -12.34
CA GLY B 35 30.52 3.17 -12.23
C GLY B 35 30.76 2.04 -11.25
N THR B 36 29.84 1.78 -10.32
CA THR B 36 30.02 0.72 -9.35
C THR B 36 28.75 -0.13 -9.21
N GLY B 37 28.92 -1.30 -8.61
CA GLY B 37 27.79 -2.08 -8.09
C GLY B 37 26.66 -2.31 -9.07
N LEU B 38 25.43 -2.01 -8.64
CA LEU B 38 24.23 -2.24 -9.46
C LEU B 38 24.25 -1.39 -10.72
N GLY B 39 24.65 -0.13 -10.59
CA GLY B 39 24.83 0.76 -11.74
C GLY B 39 25.76 0.21 -12.84
N LYS B 40 26.87 -0.38 -12.42
CA LYS B 40 27.84 -0.98 -13.33
C LYS B 40 27.24 -2.21 -14.01
N GLY B 41 26.60 -3.07 -13.23
CA GLY B 41 25.91 -4.22 -13.80
C GLY B 41 24.92 -3.83 -14.89
N MSE B 42 24.11 -2.81 -14.63
CA MSE B 42 23.09 -2.37 -15.58
C MSE B 42 23.69 -1.74 -16.85
O MSE B 42 23.21 -2.00 -17.95
CB MSE B 42 22.12 -1.38 -14.91
CG MSE B 42 21.22 -2.04 -13.86
SE MSE B 42 19.94 -0.80 -13.00
CE MSE B 42 21.21 0.50 -12.17
N THR B 43 24.71 -0.91 -16.68
CA THR B 43 25.48 -0.40 -17.81
C THR B 43 26.09 -1.52 -18.66
N THR B 44 26.72 -2.50 -18.02
CA THR B 44 27.34 -3.60 -18.74
C THR B 44 26.30 -4.24 -19.66
N LEU B 45 25.15 -4.60 -19.10
CA LEU B 45 24.10 -5.25 -19.90
C LEU B 45 23.53 -4.38 -21.02
N LEU B 46 23.21 -3.13 -20.73
CA LEU B 46 22.67 -2.25 -21.78
C LEU B 46 23.69 -2.03 -22.92
N SER B 47 24.93 -1.77 -22.54
CA SER B 47 26.06 -1.71 -23.49
C SER B 47 26.18 -3.00 -24.31
N SER B 48 26.23 -4.14 -23.62
CA SER B 48 26.36 -5.43 -24.29
C SER B 48 25.20 -5.73 -25.24
N LEU B 49 24.08 -5.02 -25.05
CA LEU B 49 22.90 -5.12 -25.91
C LEU B 49 22.81 -4.04 -26.97
N GLY B 50 23.84 -3.19 -27.07
CA GLY B 50 23.92 -2.23 -28.15
C GLY B 50 23.57 -0.78 -27.83
N ALA B 51 23.19 -0.52 -26.58
CA ALA B 51 22.96 0.86 -26.12
C ALA B 51 24.26 1.67 -26.09
N GLN B 52 24.15 2.96 -26.37
CA GLN B 52 25.23 3.89 -26.13
C GLN B 52 25.00 4.44 -24.71
N CYS B 53 25.88 4.09 -23.77
CA CYS B 53 25.69 4.44 -22.37
C CYS B 53 26.57 5.60 -21.94
N VAL B 54 26.04 6.40 -21.02
CA VAL B 54 26.74 7.51 -20.43
C VAL B 54 26.54 7.35 -18.92
N ILE B 55 27.65 7.23 -18.18
CA ILE B 55 27.60 7.03 -16.74
C ILE B 55 28.09 8.27 -16.01
N ALA B 56 27.58 8.53 -14.80
CA ALA B 56 27.86 9.77 -14.09
C ALA B 56 27.86 9.61 -12.58
N SER B 57 28.95 10.04 -11.96
CA SER B 57 29.09 10.09 -10.51
C SER B 57 30.26 11.01 -10.13
N ARG B 58 30.58 11.07 -8.84
CA ARG B 58 31.55 12.05 -8.33
C ARG B 58 33.00 11.77 -8.74
N LYS B 59 33.41 10.50 -8.64
CA LYS B 59 34.82 10.12 -8.79
C LYS B 59 35.18 9.76 -10.22
N MSE B 60 35.85 10.69 -10.89
CA MSE B 60 36.27 10.50 -12.29
C MSE B 60 37.11 9.25 -12.48
O MSE B 60 36.94 8.53 -13.46
CB MSE B 60 37.00 11.73 -12.83
CG MSE B 60 37.05 11.82 -14.36
SE MSE B 60 35.36 11.21 -15.21
CE MSE B 60 35.41 12.29 -16.85
N ASP B 61 38.02 9.00 -11.53
CA ASP B 61 38.92 7.84 -11.58
C ASP B 61 38.18 6.51 -11.83
N VAL B 62 37.29 6.14 -10.91
CA VAL B 62 36.58 4.86 -10.99
C VAL B 62 35.64 4.84 -12.20
N LEU B 63 35.02 5.99 -12.47
CA LEU B 63 34.11 6.16 -13.59
C LEU B 63 34.79 5.94 -14.94
N LYS B 64 35.95 6.57 -15.12
CA LYS B 64 36.73 6.41 -16.35
C LYS B 64 37.17 4.96 -16.56
N ALA B 65 37.63 4.32 -15.49
CA ALA B 65 38.06 2.93 -15.55
C ALA B 65 36.92 1.99 -15.93
N THR B 66 35.79 2.09 -15.23
CA THR B 66 34.60 1.30 -15.55
C THR B 66 34.16 1.48 -16.99
N ALA B 67 34.12 2.72 -17.45
CA ALA B 67 33.68 3.01 -18.80
C ALA B 67 34.57 2.33 -19.83
N GLU B 68 35.88 2.36 -19.61
CA GLU B 68 36.84 1.76 -20.55
C GLU B 68 36.73 0.24 -20.49
N GLN B 69 36.62 -0.27 -19.27
CA GLN B 69 36.48 -1.69 -19.02
C GLN B 69 35.25 -2.30 -19.72
N ILE B 70 34.11 -1.61 -19.67
CA ILE B 70 32.88 -2.10 -20.30
C ILE B 70 32.97 -1.97 -21.82
N SER B 71 33.47 -0.83 -22.27
CA SER B 71 33.66 -0.56 -23.70
C SER B 71 34.50 -1.62 -24.39
N SER B 72 35.59 -2.06 -23.75
CA SER B 72 36.45 -3.05 -24.38
C SER B 72 35.79 -4.43 -24.34
N GLN B 73 35.08 -4.71 -23.25
CA GLN B 73 34.30 -5.94 -23.11
C GLN B 73 33.17 -6.06 -24.17
N THR B 74 32.50 -4.95 -24.49
CA THR B 74 31.31 -5.00 -25.35
C THR B 74 31.51 -4.47 -26.76
N GLY B 75 32.52 -3.60 -26.91
CA GLY B 75 32.77 -2.94 -28.18
C GLY B 75 32.00 -1.64 -28.34
N ASN B 76 31.01 -1.41 -27.50
CA ASN B 76 30.22 -0.17 -27.59
C ASN B 76 30.72 0.87 -26.60
N LYS B 77 30.85 2.09 -27.09
CA LYS B 77 31.39 3.19 -26.30
C LYS B 77 30.52 3.53 -25.09
N VAL B 78 31.18 3.66 -23.95
CA VAL B 78 30.55 4.13 -22.72
C VAL B 78 31.24 5.44 -22.33
N HIS B 79 30.50 6.55 -22.32
CA HIS B 79 31.06 7.84 -21.90
C HIS B 79 30.91 8.07 -20.39
N ALA B 80 31.98 8.57 -19.77
CA ALA B 80 31.97 8.96 -18.37
C ALA B 80 31.85 10.46 -18.26
N ILE B 81 31.03 10.94 -17.32
CA ILE B 81 30.91 12.37 -17.01
C ILE B 81 30.87 12.56 -15.51
N GLN B 82 31.76 13.41 -15.00
CA GLN B 82 31.83 13.65 -13.56
C GLN B 82 30.65 14.52 -13.14
N CYS B 83 29.93 14.09 -12.11
CA CYS B 83 28.75 14.82 -11.67
C CYS B 83 28.38 14.47 -10.24
N ASP B 84 28.28 15.50 -9.41
CA ASP B 84 27.64 15.42 -8.11
C ASP B 84 26.16 15.75 -8.32
N VAL B 85 25.28 14.77 -8.15
CA VAL B 85 23.86 14.97 -8.51
C VAL B 85 23.16 15.96 -7.59
N ARG B 86 23.72 16.20 -6.41
CA ARG B 86 23.09 17.18 -5.53
C ARG B 86 23.40 18.64 -5.91
N ASP B 87 24.21 18.82 -6.93
CA ASP B 87 24.61 20.15 -7.37
C ASP B 87 23.94 20.40 -8.72
N PRO B 88 22.94 21.27 -8.74
CA PRO B 88 22.10 21.45 -9.94
C PRO B 88 22.85 22.07 -11.12
N ASP B 89 23.89 22.86 -10.85
CA ASP B 89 24.71 23.44 -11.93
C ASP B 89 25.48 22.38 -12.70
N MSE B 90 26.11 21.48 -11.93
CA MSE B 90 26.79 20.32 -12.46
C MSE B 90 25.81 19.43 -13.25
O MSE B 90 26.15 18.96 -14.34
CB MSE B 90 27.41 19.53 -11.31
CG MSE B 90 28.65 20.18 -10.70
SE MSE B 90 29.84 18.88 -9.85
CE MSE B 90 30.59 18.07 -11.43
N VAL B 91 24.62 19.22 -12.70
CA VAL B 91 23.57 18.43 -13.36
C VAL B 91 23.21 19.06 -14.70
N GLN B 92 23.02 20.37 -14.71
CA GLN B 92 22.73 21.08 -15.95
C GLN B 92 23.85 20.90 -16.99
N ASN B 93 25.10 21.00 -16.53
CA ASN B 93 26.25 20.85 -17.41
C ASN B 93 26.38 19.42 -17.87
N THR B 94 26.08 18.49 -16.96
CA THR B 94 26.13 17.05 -17.26
C THR B 94 25.11 16.64 -18.33
N VAL B 95 23.86 17.10 -18.19
CA VAL B 95 22.81 16.77 -19.17
C VAL B 95 23.13 17.39 -20.54
N SER B 96 23.65 18.61 -20.54
CA SER B 96 24.08 19.29 -21.77
C SER B 96 25.18 18.50 -22.51
N GLU B 97 26.15 17.97 -21.76
CA GLU B 97 27.19 17.15 -22.35
C GLU B 97 26.64 15.79 -22.83
N LEU B 98 25.73 15.21 -22.04
CA LEU B 98 25.06 13.98 -22.43
C LEU B 98 24.47 14.13 -23.83
N ILE B 99 23.73 15.21 -24.03
CA ILE B 99 23.07 15.45 -25.31
C ILE B 99 24.07 15.76 -26.42
N LYS B 100 25.21 16.33 -26.04
CA LYS B 100 26.23 16.67 -27.01
C LYS B 100 26.95 15.43 -27.52
N VAL B 101 27.41 14.58 -26.61
CA VAL B 101 28.25 13.44 -26.97
C VAL B 101 27.48 12.19 -27.42
N ALA B 102 26.23 12.03 -26.97
CA ALA B 102 25.45 10.82 -27.25
C ALA B 102 24.09 11.12 -27.88
N GLY B 103 23.43 12.18 -27.40
CA GLY B 103 22.10 12.55 -27.85
C GLY B 103 21.13 12.54 -26.68
N HIS B 104 19.89 12.95 -26.95
CA HIS B 104 18.84 12.86 -25.94
C HIS B 104 18.67 11.40 -25.48
N PRO B 105 18.63 11.17 -24.17
CA PRO B 105 18.55 9.79 -23.67
C PRO B 105 17.20 9.14 -23.97
N ASN B 106 17.22 7.84 -24.26
CA ASN B 106 16.00 7.04 -24.37
C ASN B 106 15.69 6.32 -23.04
N ILE B 107 16.73 6.12 -22.25
CA ILE B 107 16.68 5.39 -20.97
C ILE B 107 17.41 6.26 -19.92
N VAL B 108 16.76 6.47 -18.77
CA VAL B 108 17.35 7.26 -17.70
C VAL B 108 17.25 6.44 -16.43
N ILE B 109 18.39 6.07 -15.88
CA ILE B 109 18.40 5.29 -14.64
C ILE B 109 18.98 6.06 -13.47
N ASN B 110 18.12 6.33 -12.49
CA ASN B 110 18.50 7.05 -11.29
C ASN B 110 18.90 6.05 -10.24
N ASN B 111 20.20 5.89 -10.06
CA ASN B 111 20.77 4.83 -9.25
C ASN B 111 21.78 5.34 -8.18
N ALA B 112 22.36 6.51 -8.38
CA ALA B 112 23.27 7.10 -7.40
C ALA B 112 22.57 7.23 -6.04
N ALA B 113 23.27 6.83 -4.99
CA ALA B 113 22.71 6.90 -3.64
C ALA B 113 23.83 6.99 -2.61
N GLY B 114 23.44 7.18 -1.35
CA GLY B 114 24.33 7.00 -0.22
C GLY B 114 23.51 6.48 0.93
N ASN B 115 24.17 5.83 1.88
CA ASN B 115 23.46 5.27 3.03
C ASN B 115 24.38 5.14 4.25
N PHE B 116 23.80 5.34 5.43
CA PHE B 116 24.47 5.04 6.69
C PHE B 116 23.56 4.05 7.37
N ILE B 117 24.12 2.98 7.91
CA ILE B 117 23.40 2.16 8.87
C ILE B 117 23.82 2.62 10.26
N SER B 118 22.86 3.14 11.03
CA SER B 118 23.16 3.74 12.33
C SER B 118 21.88 3.95 13.13
N PRO B 119 21.97 3.87 14.45
CA PRO B 119 20.89 4.39 15.28
C PRO B 119 20.65 5.84 14.88
N THR B 120 19.40 6.21 14.74
CA THR B 120 19.03 7.54 14.30
C THR B 120 19.54 8.64 15.28
N GLU B 121 19.56 8.33 16.58
CA GLU B 121 20.13 9.22 17.62
C GLU B 121 21.55 9.67 17.31
N ARG B 122 22.31 8.84 16.60
CA ARG B 122 23.72 9.16 16.35
C ARG B 122 23.92 9.97 15.09
N LEU B 123 22.84 10.39 14.44
CA LEU B 123 22.95 11.17 13.21
C LEU B 123 22.94 12.67 13.45
N SER B 124 23.89 13.36 12.83
CA SER B 124 23.89 14.81 12.83
C SER B 124 22.91 15.25 11.76
N PRO B 125 22.35 16.45 11.91
CA PRO B 125 21.51 17.04 10.85
C PRO B 125 22.18 17.00 9.47
N ASN B 126 23.49 17.26 9.42
CA ASN B 126 24.27 17.21 8.18
C ASN B 126 24.33 15.81 7.54
N ALA B 127 24.46 14.77 8.37
CA ALA B 127 24.50 13.40 7.90
C ALA B 127 23.15 13.05 7.27
N TRP B 128 22.07 13.44 7.96
CA TRP B 128 20.73 13.26 7.44
C TRP B 128 20.54 13.97 6.08
N LYS B 129 20.91 15.25 6.04
CA LYS B 129 20.74 16.10 4.87
C LYS B 129 21.50 15.58 3.65
N THR B 130 22.68 15.03 3.91
CA THR B 130 23.50 14.43 2.86
C THR B 130 22.79 13.29 2.12
N ILE B 131 22.18 12.36 2.85
CA ILE B 131 21.45 11.25 2.23
C ILE B 131 20.29 11.81 1.41
N THR B 132 19.50 12.68 2.03
CA THR B 132 18.37 13.35 1.37
C THR B 132 18.78 14.05 0.08
N ASP B 133 19.90 14.78 0.13
CA ASP B 133 20.44 15.50 -1.01
C ASP B 133 20.84 14.58 -2.17
N ILE B 134 21.62 13.55 -1.87
CA ILE B 134 22.07 12.62 -2.91
C ILE B 134 20.87 11.89 -3.54
N VAL B 135 20.01 11.34 -2.70
CA VAL B 135 18.98 10.39 -3.14
C VAL B 135 17.76 11.09 -3.72
N LEU B 136 17.09 11.91 -2.90
CA LEU B 136 15.87 12.60 -3.34
C LEU B 136 16.16 13.79 -4.25
N ASN B 137 16.88 14.80 -3.74
CA ASN B 137 17.19 15.97 -4.56
C ASN B 137 18.03 15.66 -5.82
N GLY B 138 19.01 14.77 -5.69
CA GLY B 138 19.79 14.35 -6.83
C GLY B 138 18.95 13.73 -7.91
N THR B 139 18.08 12.78 -7.55
CA THR B 139 17.16 12.17 -8.50
C THR B 139 16.23 13.22 -9.10
N ALA B 140 15.73 14.11 -8.26
CA ALA B 140 14.88 15.21 -8.73
C ALA B 140 15.63 16.14 -9.69
N PHE B 141 16.84 16.57 -9.30
CA PHE B 141 17.59 17.48 -10.17
C PHE B 141 17.86 16.85 -11.56
N VAL B 142 18.30 15.59 -11.57
CA VAL B 142 18.54 14.87 -12.83
C VAL B 142 17.27 14.74 -13.67
N THR B 143 16.16 14.39 -13.04
CA THR B 143 14.88 14.20 -13.72
C THR B 143 14.30 15.51 -14.23
N LEU B 144 14.35 16.53 -13.38
CA LEU B 144 13.92 17.87 -13.78
C LEU B 144 14.63 18.33 -15.06
N GLU B 145 15.95 18.24 -15.05
CA GLU B 145 16.75 18.78 -16.14
C GLU B 145 16.57 18.00 -17.43
N ILE B 146 16.72 16.68 -17.37
CA ILE B 146 16.48 15.84 -18.54
C ILE B 146 15.07 15.99 -19.08
N GLY B 147 14.08 15.98 -18.17
CA GLY B 147 12.69 16.17 -18.54
C GLY B 147 12.45 17.46 -19.32
N LYS B 148 13.00 18.57 -18.81
CA LYS B 148 12.91 19.87 -19.47
C LYS B 148 13.50 19.81 -20.90
N GLN B 149 14.63 19.14 -21.05
CA GLN B 149 15.26 18.98 -22.35
C GLN B 149 14.43 18.14 -23.32
N LEU B 150 13.88 17.04 -22.81
CA LEU B 150 13.08 16.13 -23.63
C LEU B 150 11.79 16.80 -24.07
N ILE B 151 11.21 17.62 -23.20
CA ILE B 151 9.99 18.38 -23.56
C ILE B 151 10.30 19.36 -24.69
N LYS B 152 11.45 20.06 -24.56
CA LYS B 152 11.88 21.05 -25.55
C LYS B 152 12.15 20.37 -26.91
N ALA B 153 12.77 19.19 -26.86
CA ALA B 153 13.13 18.43 -28.06
C ALA B 153 11.98 17.61 -28.63
N GLN B 154 10.85 17.58 -27.91
CA GLN B 154 9.70 16.73 -28.22
C GLN B 154 10.06 15.26 -28.34
N LYS B 155 10.88 14.80 -27.40
CA LYS B 155 11.23 13.38 -27.33
C LYS B 155 10.82 12.80 -25.98
N GLY B 156 10.62 11.50 -25.96
CA GLY B 156 10.23 10.80 -24.74
C GLY B 156 11.35 9.89 -24.29
N ALA B 157 11.14 9.26 -23.14
CA ALA B 157 12.12 8.34 -22.55
C ALA B 157 11.48 7.48 -21.48
N ALA B 158 12.12 6.36 -21.17
CA ALA B 158 11.77 5.51 -20.06
C ALA B 158 12.71 5.85 -18.91
N PHE B 159 12.13 6.09 -17.74
CA PHE B 159 12.88 6.39 -16.54
C PHE B 159 12.75 5.22 -15.60
N LEU B 160 13.83 4.98 -14.85
CA LEU B 160 13.86 3.92 -13.87
C LEU B 160 14.60 4.38 -12.63
N SER B 161 13.97 4.21 -11.47
CA SER B 161 14.62 4.53 -10.21
C SER B 161 14.82 3.23 -9.45
N ILE B 162 16.02 3.04 -8.93
CA ILE B 162 16.30 1.91 -8.08
C ILE B 162 16.13 2.38 -6.64
N THR B 163 15.16 1.82 -5.94
CA THR B 163 14.97 2.20 -4.54
C THR B 163 15.37 1.07 -3.62
N THR B 164 14.43 0.56 -2.84
CA THR B 164 14.70 -0.54 -1.89
C THR B 164 13.38 -0.97 -1.29
N ILE B 165 13.35 -2.16 -0.69
CA ILE B 165 12.11 -2.65 -0.08
C ILE B 165 11.68 -1.84 1.13
N TYR B 166 12.62 -1.19 1.80
CA TYR B 166 12.25 -0.44 2.99
C TYR B 166 11.75 0.97 2.66
N ALA B 167 11.76 1.35 1.38
CA ALA B 167 11.21 2.64 0.98
C ALA B 167 9.71 2.67 1.18
N GLU B 168 9.07 1.53 1.00
CA GLU B 168 7.62 1.45 1.15
C GLU B 168 7.20 1.26 2.60
N THR B 169 8.02 0.55 3.38
CA THR B 169 7.65 0.16 4.74
C THR B 169 8.24 1.06 5.83
N GLY B 170 9.31 1.76 5.49
CA GLY B 170 10.19 2.36 6.47
C GLY B 170 11.12 1.30 7.08
N SER B 171 12.14 1.75 7.79
CA SER B 171 12.99 0.87 8.61
C SER B 171 13.82 1.70 9.55
N GLY B 172 13.95 1.24 10.79
CA GLY B 172 14.88 1.89 11.71
C GLY B 172 16.27 1.68 11.16
N PHE B 173 17.24 2.45 11.67
CA PHE B 173 18.66 2.26 11.36
C PHE B 173 19.10 2.68 9.96
N VAL B 174 18.13 2.94 9.07
CA VAL B 174 18.41 3.44 7.72
C VAL B 174 17.42 4.56 7.37
N VAL B 175 17.09 5.38 8.36
CA VAL B 175 15.96 6.31 8.27
C VAL B 175 16.04 7.44 7.23
N PRO B 176 17.16 8.14 7.12
CA PRO B 176 17.26 9.13 6.04
C PRO B 176 17.15 8.49 4.66
N SER B 177 17.72 7.30 4.48
CA SER B 177 17.63 6.56 3.24
C SER B 177 16.19 6.13 2.95
N ALA B 178 15.51 5.62 3.97
CA ALA B 178 14.12 5.19 3.82
C ALA B 178 13.25 6.36 3.39
N SER B 179 13.47 7.51 4.01
CA SER B 179 12.68 8.70 3.72
C SER B 179 12.96 9.21 2.32
N ALA B 180 14.23 9.30 1.94
CA ALA B 180 14.58 9.82 0.62
C ALA B 180 14.09 8.88 -0.52
N LYS B 181 14.28 7.57 -0.32
CA LYS B 181 13.83 6.56 -1.26
C LYS B 181 12.30 6.54 -1.45
N ALA B 182 11.56 6.73 -0.37
CA ALA B 182 10.09 6.81 -0.45
C ALA B 182 9.73 8.04 -1.27
N GLY B 183 10.51 9.11 -1.10
CA GLY B 183 10.34 10.35 -1.83
C GLY B 183 10.54 10.12 -3.31
N VAL B 184 11.59 9.36 -3.63
CA VAL B 184 11.82 8.96 -5.00
C VAL B 184 10.68 8.13 -5.61
N GLU B 185 10.09 7.23 -4.83
CA GLU B 185 8.96 6.43 -5.32
C GLU B 185 7.73 7.29 -5.62
N ALA B 186 7.38 8.20 -4.70
CA ALA B 186 6.29 9.16 -4.92
C ALA B 186 6.52 10.03 -6.16
N MSE B 187 7.76 10.49 -6.33
CA MSE B 187 8.15 11.23 -7.51
C MSE B 187 7.85 10.47 -8.81
O MSE B 187 7.25 11.02 -9.74
CB MSE B 187 9.62 11.63 -7.48
CG MSE B 187 10.00 12.62 -8.56
SE MSE B 187 11.92 12.71 -8.94
CE MSE B 187 12.55 12.75 -7.04
N SER B 188 8.28 9.21 -8.86
CA SER B 188 8.03 8.37 -10.04
C SER B 188 6.55 8.22 -10.38
N LYS B 189 5.74 7.95 -9.37
CA LYS B 189 4.31 7.81 -9.56
C LYS B 189 3.67 9.12 -10.00
N SER B 190 4.16 10.25 -9.45
CA SER B 190 3.68 11.58 -9.82
C SER B 190 3.99 11.92 -11.29
N LEU B 191 5.21 11.61 -11.75
CA LEU B 191 5.63 11.96 -13.09
C LEU B 191 5.12 10.98 -14.15
N ALA B 192 4.91 9.72 -13.76
CA ALA B 192 4.20 8.77 -14.60
C ALA B 192 2.84 9.38 -15.02
N ALA B 193 2.15 9.98 -14.04
CA ALA B 193 0.86 10.61 -14.30
C ALA B 193 1.01 11.93 -15.09
N GLU B 194 1.87 12.83 -14.60
CA GLU B 194 2.00 14.17 -15.18
C GLU B 194 2.62 14.18 -16.57
N TRP B 195 3.61 13.33 -16.81
CA TRP B 195 4.43 13.48 -18.01
C TRP B 195 4.15 12.47 -19.12
N GLY B 196 3.10 11.66 -18.97
CA GLY B 196 2.71 10.74 -20.01
C GLY B 196 2.51 11.45 -21.35
N LYS B 197 1.92 12.63 -21.28
CA LYS B 197 1.67 13.47 -22.46
C LYS B 197 2.94 13.83 -23.24
N TYR B 198 4.09 13.76 -22.58
CA TYR B 198 5.39 14.07 -23.18
C TYR B 198 6.16 12.83 -23.63
N GLY B 199 5.56 11.65 -23.48
CA GLY B 199 6.19 10.41 -23.89
C GLY B 199 7.20 9.86 -22.89
N MSE B 200 7.06 10.26 -21.63
CA MSE B 200 7.95 9.77 -20.58
C MSE B 200 7.20 8.84 -19.66
O MSE B 200 6.07 9.15 -19.24
CB MSE B 200 8.48 10.96 -19.78
CG MSE B 200 9.44 11.82 -20.58
SE MSE B 200 10.29 13.20 -19.49
CE MSE B 200 9.11 14.72 -19.92
N ARG B 201 7.79 7.68 -19.36
CA ARG B 201 7.23 6.75 -18.40
C ARG B 201 8.22 6.51 -17.24
N PHE B 202 7.69 6.13 -16.09
CA PHE B 202 8.49 6.10 -14.86
C PHE B 202 8.15 4.86 -14.08
N ASN B 203 9.16 4.04 -13.81
CA ASN B 203 8.99 2.83 -13.02
C ASN B 203 10.03 2.72 -11.94
N VAL B 204 9.81 1.79 -11.02
CA VAL B 204 10.67 1.60 -9.86
C VAL B 204 10.95 0.12 -9.64
N ILE B 205 12.22 -0.21 -9.36
CA ILE B 205 12.58 -1.51 -8.78
C ILE B 205 12.95 -1.31 -7.31
N GLN B 206 12.40 -2.16 -6.46
CA GLN B 206 12.76 -2.23 -5.04
C GLN B 206 13.56 -3.50 -4.77
N PRO B 207 14.88 -3.40 -4.77
CA PRO B 207 15.73 -4.57 -4.50
C PRO B 207 15.84 -4.94 -3.01
N GLY B 208 15.94 -6.25 -2.74
CA GLY B 208 16.40 -6.75 -1.46
C GLY B 208 17.92 -6.89 -1.57
N PRO B 209 18.57 -7.66 -0.69
CA PRO B 209 20.04 -7.73 -0.69
C PRO B 209 20.63 -8.49 -1.87
N ILE B 210 21.54 -7.83 -2.57
CA ILE B 210 22.17 -8.39 -3.75
C ILE B 210 23.65 -8.64 -3.47
N LYS B 211 24.15 -9.80 -3.91
CA LYS B 211 25.57 -10.14 -3.81
C LYS B 211 26.47 -9.08 -4.44
N GLU B 226 25.25 -12.04 6.77
CA GLU B 226 24.87 -12.53 5.46
C GLU B 226 24.04 -13.81 5.55
N LYS B 227 24.54 -14.79 6.31
CA LYS B 227 23.85 -16.05 6.53
C LYS B 227 22.58 -15.87 7.36
N GLU B 228 22.55 -14.82 8.19
CA GLU B 228 21.42 -14.53 9.07
C GLU B 228 20.21 -14.00 8.29
CA MSE B 229 20.17 -12.48 5.84
C MSE B 229 19.34 -13.55 5.15
O MSE B 229 18.13 -13.40 4.98
CB MSE B 229 20.60 -11.46 4.79
CG MSE B 229 20.59 -10.02 5.27
SE MSE B 229 21.72 -8.89 4.11
CE MSE B 229 21.25 -7.07 4.81
N ILE B 230 20.00 -14.65 4.79
CA ILE B 230 19.41 -15.66 3.92
C ILE B 230 18.22 -16.39 4.55
N GLY B 231 18.24 -16.53 5.87
CA GLY B 231 17.15 -17.14 6.60
C GLY B 231 15.83 -16.37 6.51
N ARG B 232 15.90 -15.11 6.08
CA ARG B 232 14.71 -14.30 5.95
C ARG B 232 14.26 -14.14 4.48
N ILE B 233 14.88 -14.93 3.60
CA ILE B 233 14.61 -14.87 2.15
C ILE B 233 14.01 -16.18 1.69
N PRO B 234 12.70 -16.21 1.37
CA PRO B 234 12.06 -17.43 0.89
C PRO B 234 12.78 -18.08 -0.29
N CYS B 235 13.40 -17.31 -1.17
CA CYS B 235 14.13 -17.93 -2.28
C CYS B 235 15.51 -18.51 -1.83
N GLY B 236 15.90 -18.27 -0.59
CA GLY B 236 17.07 -18.94 0.01
C GLY B 236 18.47 -18.54 -0.46
N ARG B 237 18.60 -17.34 -1.02
CA ARG B 237 19.88 -16.85 -1.54
C ARG B 237 19.73 -15.36 -1.75
N LEU B 238 20.87 -14.67 -1.91
CA LEU B 238 20.84 -13.27 -2.24
C LEU B 238 20.59 -13.19 -3.75
N GLY B 239 20.17 -12.01 -4.22
CA GLY B 239 19.99 -11.78 -5.64
C GLY B 239 21.32 -11.55 -6.32
N THR B 240 21.35 -11.64 -7.63
CA THR B 240 22.59 -11.30 -8.34
C THR B 240 22.38 -10.05 -9.15
N VAL B 241 23.49 -9.38 -9.43
CA VAL B 241 23.54 -8.15 -10.20
C VAL B 241 23.00 -8.35 -11.62
N GLU B 242 23.32 -9.49 -12.21
CA GLU B 242 22.90 -9.82 -13.57
C GLU B 242 21.39 -10.04 -13.66
N GLU B 243 20.81 -10.68 -12.65
CA GLU B 243 19.37 -10.83 -12.54
C GLU B 243 18.67 -9.48 -12.45
N LEU B 244 19.17 -8.63 -11.55
CA LEU B 244 18.61 -7.31 -11.40
C LEU B 244 18.70 -6.54 -12.72
N ALA B 245 19.84 -6.68 -13.40
CA ALA B 245 20.07 -5.98 -14.65
C ALA B 245 19.06 -6.41 -15.73
N ASN B 246 18.74 -7.69 -15.79
CA ASN B 246 17.73 -8.20 -16.74
C ASN B 246 16.36 -7.55 -16.54
N LEU B 247 15.94 -7.44 -15.28
CA LEU B 247 14.68 -6.78 -14.93
C LEU B 247 14.69 -5.30 -15.30
N ALA B 248 15.78 -4.61 -14.97
CA ALA B 248 15.96 -3.22 -15.34
C ALA B 248 15.91 -3.04 -16.87
N ALA B 249 16.63 -3.90 -17.59
CA ALA B 249 16.65 -3.85 -19.05
C ALA B 249 15.25 -4.04 -19.64
N PHE B 250 14.54 -5.06 -19.17
CA PHE B 250 13.14 -5.27 -19.56
C PHE B 250 12.29 -4.00 -19.36
N LEU B 251 12.34 -3.41 -18.16
CA LEU B 251 11.54 -2.22 -17.85
C LEU B 251 11.91 -0.98 -18.67
N CYS B 252 13.16 -0.89 -19.11
CA CYS B 252 13.60 0.22 -19.96
C CYS B 252 13.48 -0.09 -21.47
N SER B 253 12.89 -1.22 -21.80
CA SER B 253 12.77 -1.65 -23.21
C SER B 253 11.41 -1.34 -23.80
N ASP B 254 11.30 -1.47 -25.12
CA ASP B 254 10.05 -1.22 -25.80
C ASP B 254 9.04 -2.35 -25.54
N TYR B 255 9.50 -3.48 -25.03
CA TYR B 255 8.56 -4.53 -24.59
C TYR B 255 7.69 -4.06 -23.39
N ALA B 256 8.16 -3.04 -22.67
CA ALA B 256 7.47 -2.54 -21.48
C ALA B 256 6.96 -1.14 -21.70
N SER B 257 6.67 -0.80 -22.96
CA SER B 257 6.20 0.53 -23.33
C SER B 257 4.85 0.89 -22.73
N TRP B 258 4.11 -0.10 -22.25
CA TRP B 258 2.86 0.17 -21.54
C TRP B 258 2.98 0.01 -20.03
N ILE B 259 4.20 -0.20 -19.52
CA ILE B 259 4.42 -0.27 -18.09
C ILE B 259 4.88 1.09 -17.60
N ASN B 260 4.07 1.67 -16.73
CA ASN B 260 4.24 3.05 -16.32
C ASN B 260 3.62 3.24 -14.95
N GLY B 261 4.40 3.76 -14.01
CA GLY B 261 3.96 3.87 -12.63
C GLY B 261 4.09 2.60 -11.80
N ALA B 262 4.82 1.61 -12.30
CA ALA B 262 4.93 0.35 -11.60
C ALA B 262 6.07 0.35 -10.60
N VAL B 263 5.86 -0.39 -9.53
CA VAL B 263 6.87 -0.61 -8.52
C VAL B 263 7.04 -2.12 -8.46
N ILE B 264 8.22 -2.61 -8.81
CA ILE B 264 8.47 -4.06 -8.80
C ILE B 264 9.48 -4.49 -7.72
N LYS B 265 9.02 -5.28 -6.75
CA LYS B 265 9.94 -5.90 -5.78
C LYS B 265 10.82 -6.95 -6.44
N PHE B 266 12.13 -6.79 -6.26
CA PHE B 266 13.11 -7.78 -6.68
C PHE B 266 13.86 -8.19 -5.41
N ASP B 267 13.32 -9.16 -4.66
CA ASP B 267 13.79 -9.40 -3.29
C ASP B 267 13.75 -10.84 -2.83
N GLY B 268 13.54 -11.79 -3.74
CA GLY B 268 13.44 -13.20 -3.36
C GLY B 268 12.32 -13.55 -2.38
N GLY B 269 11.34 -12.63 -2.23
CA GLY B 269 10.24 -12.81 -1.29
C GLY B 269 10.51 -12.25 0.09
N GLU B 270 11.62 -11.54 0.28
CA GLU B 270 11.99 -11.10 1.62
C GLU B 270 10.93 -10.21 2.27
N GLU B 271 10.44 -9.21 1.56
CA GLU B 271 9.46 -8.32 2.17
C GLU B 271 8.21 -9.05 2.62
N VAL B 272 7.68 -9.93 1.79
CA VAL B 272 6.47 -10.64 2.21
C VAL B 272 6.76 -11.57 3.41
N LEU B 273 7.96 -12.13 3.44
CA LEU B 273 8.32 -12.97 4.59
C LEU B 273 8.35 -12.17 5.90
N ILE B 274 9.20 -11.14 5.96
CA ILE B 274 9.37 -10.42 7.22
C ILE B 274 8.10 -9.66 7.61
N SER B 275 7.32 -9.21 6.63
CA SER B 275 6.12 -8.43 6.95
C SER B 275 4.93 -9.25 7.46
N GLY B 276 4.93 -10.56 7.22
CA GLY B 276 3.78 -11.37 7.58
C GLY B 276 3.78 -11.80 9.04
N GLU B 277 2.77 -11.40 9.79
CA GLU B 277 2.74 -11.58 11.25
C GLU B 277 3.10 -13.00 11.75
N PHE B 278 2.61 -14.02 11.07
CA PHE B 278 2.79 -15.40 11.54
C PHE B 278 3.93 -16.14 10.86
N ASN B 279 4.68 -15.44 10.02
CA ASN B 279 5.81 -16.04 9.34
C ASN B 279 6.97 -16.43 10.26
N ASP B 280 6.93 -15.97 11.50
CA ASP B 280 7.89 -16.41 12.50
C ASP B 280 7.67 -17.87 12.86
N LEU B 281 6.58 -18.48 12.39
CA LEU B 281 6.26 -19.89 12.69
C LEU B 281 6.92 -20.84 11.69
N ARG B 282 7.74 -20.29 10.81
CA ARG B 282 8.37 -21.05 9.73
C ARG B 282 9.40 -22.10 10.18
N LYS B 283 9.84 -22.04 11.44
CA LYS B 283 10.79 -23.02 11.95
C LYS B 283 10.10 -24.12 12.76
N VAL B 284 8.78 -23.99 12.92
CA VAL B 284 8.00 -25.05 13.54
C VAL B 284 8.06 -26.32 12.68
N THR B 285 8.38 -27.44 13.33
CA THR B 285 8.58 -28.72 12.67
C THR B 285 7.25 -29.45 12.48
N LYS B 286 7.23 -30.41 11.56
CA LYS B 286 6.07 -31.27 11.33
C LYS B 286 5.43 -31.82 12.63
N GLU B 287 6.28 -32.31 13.54
CA GLU B 287 5.83 -32.93 14.78
C GLU B 287 5.24 -31.92 15.76
N GLN B 288 5.84 -30.72 15.81
CA GLN B 288 5.27 -29.63 16.61
C GLN B 288 3.91 -29.20 16.04
N TRP B 289 3.80 -29.18 14.71
CA TRP B 289 2.53 -28.86 14.05
C TRP B 289 1.44 -29.88 14.39
N ASP B 290 1.80 -31.17 14.40
CA ASP B 290 0.92 -32.21 14.97
C ASP B 290 0.42 -31.86 16.35
N THR B 291 1.33 -31.43 17.21
CA THR B 291 0.97 -31.02 18.57
C THR B 291 0.05 -29.79 18.58
N ILE B 292 0.42 -28.75 17.83
CA ILE B 292 -0.37 -27.50 17.78
C ILE B 292 -1.82 -27.75 17.35
N GLU B 293 -2.00 -28.55 16.32
CA GLU B 293 -3.33 -28.86 15.78
C GLU B 293 -4.20 -29.61 16.79
N GLU B 294 -3.61 -30.61 17.46
CA GLU B 294 -4.28 -31.35 18.54
C GLU B 294 -4.78 -30.42 19.65
N LEU B 295 -3.96 -29.44 20.03
CA LEU B 295 -4.32 -28.43 21.03
C LEU B 295 -5.53 -27.58 20.65
N ILE B 296 -5.71 -27.33 19.35
CA ILE B 296 -6.90 -26.66 18.83
C ILE B 296 -7.89 -27.70 18.28
N THR C 3 14.37 0.32 30.27
CA THR C 3 13.90 0.06 28.87
C THR C 3 12.44 -0.42 28.82
N GLU C 4 12.07 -1.34 29.72
CA GLU C 4 10.67 -1.75 29.84
C GLU C 4 9.89 -0.81 30.76
N ALA C 5 10.63 -0.05 31.59
CA ALA C 5 10.06 0.98 32.46
C ALA C 5 9.58 2.22 31.69
N LEU C 6 10.35 2.61 30.66
CA LEU C 6 9.97 3.67 29.74
C LEU C 6 8.70 3.33 28.94
N GLN C 7 8.60 2.06 28.54
CA GLN C 7 7.48 1.56 27.76
C GLN C 7 6.22 1.49 28.64
N SER C 8 6.40 1.01 29.86
CA SER C 8 5.31 0.90 30.82
C SER C 8 4.77 2.28 31.22
N LYS C 9 5.67 3.24 31.43
CA LYS C 9 5.26 4.57 31.82
C LYS C 9 4.66 5.33 30.65
N PHE C 10 5.33 5.25 29.50
CA PHE C 10 4.95 6.11 28.39
C PHE C 10 3.94 5.54 27.41
N PHE C 11 3.65 4.24 27.51
CA PHE C 11 2.61 3.60 26.70
C PHE C 11 1.52 2.94 27.54
N SER C 12 1.33 3.48 28.74
CA SER C 12 0.35 2.99 29.71
C SER C 12 -1.07 2.98 29.13
N PRO C 13 -1.77 1.85 29.25
CA PRO C 13 -3.16 1.75 28.78
C PRO C 13 -4.14 2.64 29.56
N LEU C 14 -4.99 3.36 28.83
CA LEU C 14 -6.08 4.10 29.44
C LEU C 14 -7.38 3.42 29.05
N GLN C 15 -7.99 2.72 30.01
CA GLN C 15 -9.06 1.79 29.70
C GLN C 15 -10.48 2.30 29.98
N LYS C 16 -10.60 3.58 30.36
CA LYS C 16 -11.93 4.15 30.57
C LYS C 16 -12.55 4.71 29.28
N ALA C 17 -13.88 4.87 29.28
CA ALA C 17 -14.59 5.48 28.17
C ALA C 17 -14.05 6.88 27.88
N MSE C 18 -13.72 7.11 26.61
CA MSE C 18 -13.09 8.34 26.19
C MSE C 18 -14.11 9.38 25.70
O MSE C 18 -13.95 10.58 25.94
CB MSE C 18 -12.09 8.03 25.10
CG MSE C 18 -11.59 9.23 24.36
SE MSE C 18 -10.68 8.66 22.77
CE MSE C 18 -12.19 8.78 21.48
N LEU C 19 -15.15 8.91 25.02
CA LEU C 19 -16.21 9.75 24.49
C LEU C 19 -17.10 10.27 25.62
N PRO C 20 -17.80 11.39 25.41
CA PRO C 20 -18.65 11.99 26.46
C PRO C 20 -19.77 11.04 26.89
N PRO C 21 -20.08 11.03 28.18
CA PRO C 21 -21.19 10.20 28.70
C PRO C 21 -22.48 10.40 27.91
N ASN C 22 -23.27 9.34 27.76
CA ASN C 22 -24.53 9.35 27.01
C ASN C 22 -24.45 9.89 25.56
N SER C 23 -23.24 9.96 24.99
CA SER C 23 -23.06 10.50 23.63
C SER C 23 -23.60 9.61 22.51
N PHE C 24 -23.88 8.34 22.81
CA PHE C 24 -24.52 7.46 21.83
C PHE C 24 -26.01 7.23 22.12
N GLN C 25 -26.60 8.05 23.00
CA GLN C 25 -28.04 7.97 23.25
C GLN C 25 -28.82 8.13 21.94
N GLY C 26 -29.82 7.28 21.73
CA GLY C 26 -30.63 7.32 20.54
C GLY C 26 -30.00 6.61 19.36
N LYS C 27 -28.79 6.08 19.55
CA LYS C 27 -28.11 5.38 18.46
C LYS C 27 -28.35 3.88 18.58
N VAL C 28 -28.49 3.22 17.44
CA VAL C 28 -28.54 1.76 17.40
C VAL C 28 -27.30 1.18 16.70
N ALA C 29 -26.68 0.21 17.38
CA ALA C 29 -25.49 -0.46 16.92
C ALA C 29 -25.79 -1.95 16.73
N PHE C 30 -25.37 -2.49 15.58
CA PHE C 30 -25.45 -3.91 15.26
C PHE C 30 -24.01 -4.43 15.17
N ILE C 31 -23.69 -5.43 15.99
CA ILE C 31 -22.33 -5.98 16.09
C ILE C 31 -22.33 -7.51 15.90
N THR C 32 -21.81 -8.00 14.77
CA THR C 32 -21.66 -9.46 14.58
C THR C 32 -20.49 -9.96 15.44
N GLY C 33 -20.65 -11.14 16.03
CA GLY C 33 -19.66 -11.68 16.93
C GLY C 33 -19.61 -10.86 18.20
N GLY C 34 -20.73 -10.21 18.52
CA GLY C 34 -20.82 -9.32 19.67
C GLY C 34 -20.75 -9.98 21.05
N GLY C 35 -20.85 -11.31 21.10
CA GLY C 35 -20.91 -12.00 22.38
C GLY C 35 -19.58 -12.31 23.05
N THR C 36 -18.47 -12.17 22.32
CA THR C 36 -17.15 -12.58 22.83
C THR C 36 -16.06 -11.56 22.51
N GLY C 37 -14.93 -11.72 23.19
CA GLY C 37 -13.69 -11.01 22.85
C GLY C 37 -13.86 -9.53 22.50
N LEU C 38 -13.39 -9.17 21.31
CA LEU C 38 -13.38 -7.78 20.86
C LEU C 38 -14.81 -7.25 20.66
N GLY C 39 -15.68 -8.10 20.11
CA GLY C 39 -17.08 -7.75 19.90
C GLY C 39 -17.82 -7.43 21.19
N LYS C 40 -17.57 -8.22 22.24
CA LYS C 40 -18.15 -7.99 23.56
C LYS C 40 -17.71 -6.64 24.12
N GLY C 41 -16.40 -6.39 24.09
CA GLY C 41 -15.83 -5.15 24.59
C GLY C 41 -16.34 -3.89 23.88
N MSE C 42 -16.60 -4.02 22.58
CA MSE C 42 -17.14 -2.92 21.80
C MSE C 42 -18.60 -2.69 22.16
O MSE C 42 -19.02 -1.55 22.35
CB MSE C 42 -17.00 -3.18 20.29
CG MSE C 42 -15.55 -2.98 19.78
SE MSE C 42 -15.29 -3.27 17.84
CE MSE C 42 -15.60 -5.21 17.74
N THR C 43 -19.36 -3.78 22.23
CA THR C 43 -20.75 -3.74 22.65
C THR C 43 -20.90 -3.09 24.03
N THR C 44 -20.04 -3.47 24.96
CA THR C 44 -20.06 -2.94 26.33
C THR C 44 -19.90 -1.43 26.32
N LEU C 45 -18.88 -0.95 25.60
CA LEU C 45 -18.59 0.47 25.56
C LEU C 45 -19.75 1.24 24.94
N LEU C 46 -20.23 0.76 23.79
CA LEU C 46 -21.31 1.43 23.09
C LEU C 46 -22.52 1.50 24.01
N SER C 47 -22.89 0.37 24.60
CA SER C 47 -23.98 0.32 25.56
C SER C 47 -23.82 1.30 26.73
N SER C 48 -22.63 1.34 27.33
CA SER C 48 -22.38 2.27 28.43
C SER C 48 -22.49 3.74 28.03
N LEU C 49 -22.29 4.03 26.74
CA LEU C 49 -22.41 5.39 26.22
C LEU C 49 -23.81 5.67 25.71
N GLY C 50 -24.73 4.73 25.92
CA GLY C 50 -26.13 4.99 25.70
C GLY C 50 -26.72 4.42 24.44
N ALA C 51 -25.91 3.76 23.63
CA ALA C 51 -26.41 3.08 22.43
C ALA C 51 -27.30 1.88 22.78
N GLN C 52 -28.30 1.65 21.92
CA GLN C 52 -29.11 0.43 21.94
C GLN C 52 -28.47 -0.60 21.01
N CYS C 53 -27.96 -1.69 21.60
CA CYS C 53 -27.12 -2.62 20.85
C CYS C 53 -27.82 -3.92 20.53
N VAL C 54 -27.46 -4.47 19.38
CA VAL C 54 -27.96 -5.74 18.89
C VAL C 54 -26.71 -6.54 18.55
N ILE C 55 -26.62 -7.75 19.10
CA ILE C 55 -25.47 -8.61 18.86
C ILE C 55 -25.92 -9.92 18.19
N ALA C 56 -25.09 -10.45 17.32
CA ALA C 56 -25.50 -11.58 16.49
C ALA C 56 -24.35 -12.52 16.21
N SER C 57 -24.57 -13.81 16.48
CA SER C 57 -23.64 -14.88 16.16
C SER C 57 -24.35 -16.23 16.30
N ARG C 58 -23.58 -17.32 16.29
CA ARG C 58 -24.19 -18.67 16.20
C ARG C 58 -24.66 -19.24 17.55
N LYS C 59 -23.88 -19.03 18.61
CA LYS C 59 -24.15 -19.61 19.92
C LYS C 59 -25.08 -18.73 20.76
N MSE C 60 -26.36 -19.07 20.80
CA MSE C 60 -27.37 -18.26 21.51
C MSE C 60 -27.13 -18.11 23.01
O MSE C 60 -27.31 -17.03 23.56
CB MSE C 60 -28.78 -18.79 21.23
CG MSE C 60 -29.92 -17.82 21.61
SE MSE C 60 -29.76 -15.96 20.91
CE MSE C 60 -31.59 -15.78 20.14
N ASP C 61 -26.71 -19.18 23.67
CA ASP C 61 -26.48 -19.17 25.12
C ASP C 61 -25.42 -18.15 25.54
N VAL C 62 -24.31 -18.08 24.80
CA VAL C 62 -23.28 -17.10 25.10
C VAL C 62 -23.81 -15.70 24.78
N LEU C 63 -24.45 -15.59 23.63
CA LEU C 63 -25.05 -14.34 23.17
C LEU C 63 -26.02 -13.77 24.21
N LYS C 64 -26.95 -14.60 24.68
CA LYS C 64 -27.91 -14.20 25.71
C LYS C 64 -27.24 -13.81 27.03
N ALA C 65 -26.30 -14.62 27.51
CA ALA C 65 -25.57 -14.31 28.74
C ALA C 65 -24.87 -12.95 28.65
N THR C 66 -24.12 -12.74 27.56
CA THR C 66 -23.43 -11.47 27.31
C THR C 66 -24.43 -10.31 27.25
N ALA C 67 -25.52 -10.49 26.52
CA ALA C 67 -26.53 -9.45 26.34
C ALA C 67 -27.16 -9.06 27.67
N GLU C 68 -27.41 -10.06 28.52
CA GLU C 68 -27.95 -9.87 29.85
C GLU C 68 -26.92 -9.20 30.77
N GLN C 69 -25.68 -9.67 30.72
CA GLN C 69 -24.61 -9.16 31.56
C GLN C 69 -24.24 -7.69 31.29
N ILE C 70 -24.22 -7.28 30.03
CA ILE C 70 -23.95 -5.88 29.68
C ILE C 70 -25.12 -5.01 30.08
N SER C 71 -26.32 -5.48 29.75
CA SER C 71 -27.59 -4.81 30.04
C SER C 71 -27.77 -4.42 31.50
N SER C 72 -27.32 -5.29 32.41
CA SER C 72 -27.47 -5.00 33.83
C SER C 72 -26.36 -4.08 34.33
N GLN C 73 -25.22 -4.08 33.63
CA GLN C 73 -24.10 -3.19 33.96
C GLN C 73 -24.38 -1.76 33.52
N THR C 74 -25.05 -1.60 32.38
CA THR C 74 -25.23 -0.27 31.78
C THR C 74 -26.64 0.28 31.92
N GLY C 75 -27.62 -0.60 32.10
CA GLY C 75 -29.00 -0.18 32.20
C GLY C 75 -29.63 0.12 30.85
N ASN C 76 -28.87 -0.12 29.78
CA ASN C 76 -29.39 0.03 28.42
C ASN C 76 -29.53 -1.35 27.78
N LYS C 77 -30.61 -1.56 27.05
CA LYS C 77 -30.94 -2.91 26.58
C LYS C 77 -30.06 -3.36 25.41
N VAL C 78 -29.57 -4.59 25.54
CA VAL C 78 -28.81 -5.27 24.51
C VAL C 78 -29.64 -6.47 24.06
N HIS C 79 -29.93 -6.54 22.76
CA HIS C 79 -30.68 -7.66 22.18
C HIS C 79 -29.75 -8.69 21.54
N ALA C 80 -30.04 -9.97 21.76
CA ALA C 80 -29.30 -11.05 21.12
C ALA C 80 -30.09 -11.65 19.99
N ILE C 81 -29.43 -11.87 18.85
CA ILE C 81 -30.07 -12.57 17.72
C ILE C 81 -29.15 -13.66 17.20
N GLN C 82 -29.70 -14.87 17.06
CA GLN C 82 -28.95 -15.99 16.52
C GLN C 82 -28.79 -15.80 15.01
N CYS C 83 -27.54 -15.84 14.56
CA CYS C 83 -27.24 -15.63 13.14
C CYS C 83 -25.91 -16.26 12.75
N ASP C 84 -25.96 -17.11 11.74
CA ASP C 84 -24.76 -17.55 11.03
C ASP C 84 -24.63 -16.64 9.80
N VAL C 85 -23.64 -15.76 9.85
CA VAL C 85 -23.52 -14.70 8.84
C VAL C 85 -23.28 -15.24 7.43
N ARG C 86 -22.94 -16.51 7.33
CA ARG C 86 -22.69 -17.06 6.01
C ARG C 86 -23.95 -17.59 5.34
N ASP C 87 -25.08 -17.49 6.02
CA ASP C 87 -26.35 -17.87 5.45
C ASP C 87 -27.22 -16.66 5.12
N PRO C 88 -27.48 -16.42 3.84
CA PRO C 88 -28.21 -15.21 3.41
C PRO C 88 -29.62 -15.12 3.98
N ASP C 89 -30.32 -16.25 4.13
CA ASP C 89 -31.68 -16.24 4.72
C ASP C 89 -31.64 -15.85 6.19
N MSE C 90 -30.74 -16.45 6.95
CA MSE C 90 -30.57 -16.10 8.36
C MSE C 90 -30.20 -14.63 8.51
O MSE C 90 -30.70 -13.97 9.41
CB MSE C 90 -29.52 -16.98 9.03
CG MSE C 90 -30.07 -18.29 9.54
SE MSE C 90 -28.96 -19.07 10.93
CE MSE C 90 -30.05 -18.60 12.57
N VAL C 91 -29.31 -14.14 7.63
CA VAL C 91 -28.91 -12.74 7.65
C VAL C 91 -30.11 -11.82 7.38
N GLN C 92 -30.90 -12.15 6.36
CA GLN C 92 -32.15 -11.45 6.08
C GLN C 92 -33.07 -11.37 7.30
N ASN C 93 -33.33 -12.50 7.97
CA ASN C 93 -34.21 -12.53 9.15
C ASN C 93 -33.66 -11.68 10.25
N THR C 94 -32.34 -11.73 10.39
CA THR C 94 -31.63 -11.01 11.45
C THR C 94 -31.76 -9.50 11.30
N VAL C 95 -31.57 -9.02 10.08
CA VAL C 95 -31.63 -7.59 9.78
C VAL C 95 -33.06 -7.11 10.03
N SER C 96 -34.03 -7.87 9.53
CA SER C 96 -35.45 -7.61 9.77
C SER C 96 -35.77 -7.52 11.27
N GLU C 97 -35.30 -8.50 12.06
CA GLU C 97 -35.53 -8.49 13.50
C GLU C 97 -34.88 -7.26 14.14
N LEU C 98 -33.64 -6.96 13.72
CA LEU C 98 -32.91 -5.79 14.20
C LEU C 98 -33.75 -4.51 14.01
N ILE C 99 -34.31 -4.36 12.82
CA ILE C 99 -35.09 -3.17 12.49
C ILE C 99 -36.37 -3.15 13.34
N LYS C 100 -36.95 -4.32 13.57
CA LYS C 100 -38.16 -4.48 14.38
C LYS C 100 -37.96 -4.10 15.84
N VAL C 101 -36.90 -4.64 16.46
CA VAL C 101 -36.71 -4.49 17.91
C VAL C 101 -35.88 -3.28 18.36
N ALA C 102 -35.19 -2.64 17.42
CA ALA C 102 -34.32 -1.52 17.75
C ALA C 102 -34.45 -0.39 16.74
N GLY C 103 -34.53 -0.76 15.48
CA GLY C 103 -34.59 0.19 14.39
C GLY C 103 -33.46 0.00 13.41
N HIS C 104 -33.49 0.80 12.34
CA HIS C 104 -32.40 0.86 11.39
C HIS C 104 -31.13 1.24 12.12
N PRO C 105 -30.05 0.51 11.90
CA PRO C 105 -28.78 0.79 12.59
C PRO C 105 -28.13 2.10 12.15
N ASN C 106 -27.52 2.79 13.12
CA ASN C 106 -26.66 3.94 12.84
C ASN C 106 -25.19 3.48 12.78
N ILE C 107 -24.92 2.33 13.38
CA ILE C 107 -23.56 1.80 13.54
C ILE C 107 -23.60 0.32 13.18
N VAL C 108 -22.81 -0.06 12.19
CA VAL C 108 -22.68 -1.48 11.84
C VAL C 108 -21.23 -1.97 11.98
N ILE C 109 -21.03 -2.98 12.83
CA ILE C 109 -19.69 -3.52 13.07
C ILE C 109 -19.62 -4.99 12.64
N ASN C 110 -18.86 -5.24 11.57
CA ASN C 110 -18.58 -6.60 11.12
C ASN C 110 -17.34 -7.18 11.80
N ASN C 111 -17.57 -8.05 12.77
CA ASN C 111 -16.51 -8.52 13.64
C ASN C 111 -16.43 -10.06 13.69
N ALA C 112 -17.53 -10.74 13.36
CA ALA C 112 -17.56 -12.20 13.26
C ALA C 112 -16.44 -12.74 12.38
N ALA C 113 -15.73 -13.74 12.87
CA ALA C 113 -14.62 -14.33 12.13
C ALA C 113 -14.33 -15.76 12.62
N GLY C 114 -13.53 -16.46 11.82
CA GLY C 114 -13.00 -17.75 12.18
C GLY C 114 -11.62 -17.78 11.60
N ASN C 115 -10.77 -18.64 12.15
CA ASN C 115 -9.38 -18.72 11.73
C ASN C 115 -8.80 -20.10 12.05
N PHE C 116 -7.93 -20.57 11.16
CA PHE C 116 -7.08 -21.70 11.44
C PHE C 116 -5.66 -21.20 11.38
N ILE C 117 -4.83 -21.64 12.32
CA ILE C 117 -3.40 -21.44 12.21
C ILE C 117 -2.85 -22.78 11.80
N SER C 118 -2.37 -22.87 10.55
CA SER C 118 -1.96 -24.16 9.98
C SER C 118 -1.07 -24.00 8.77
N PRO C 119 -0.12 -24.91 8.57
CA PRO C 119 0.53 -25.02 7.27
C PRO C 119 -0.58 -25.15 6.23
N THR C 120 -0.46 -24.39 5.16
CA THR C 120 -1.54 -24.33 4.17
C THR C 120 -1.76 -25.70 3.55
N GLU C 121 -0.69 -26.46 3.39
CA GLU C 121 -0.80 -27.78 2.77
C GLU C 121 -1.61 -28.80 3.61
N ARG C 122 -1.89 -28.49 4.88
CA ARG C 122 -2.78 -29.34 5.68
C ARG C 122 -4.26 -28.96 5.59
N LEU C 123 -4.58 -27.82 5.00
CA LEU C 123 -5.99 -27.44 4.89
C LEU C 123 -6.71 -28.26 3.80
N SER C 124 -7.91 -28.73 4.10
CA SER C 124 -8.79 -29.23 3.05
C SER C 124 -9.44 -28.02 2.34
N PRO C 125 -9.95 -28.24 1.13
CA PRO C 125 -10.80 -27.24 0.47
C PRO C 125 -11.93 -26.72 1.36
N ASN C 126 -12.59 -27.61 2.10
CA ASN C 126 -13.69 -27.21 2.99
C ASN C 126 -13.22 -26.27 4.09
N ALA C 127 -12.04 -26.55 4.65
CA ALA C 127 -11.49 -25.72 5.72
C ALA C 127 -11.22 -24.31 5.19
N TRP C 128 -10.66 -24.24 3.99
CA TRP C 128 -10.39 -22.98 3.33
C TRP C 128 -11.70 -22.24 3.07
N LYS C 129 -12.64 -22.92 2.42
CA LYS C 129 -13.92 -22.34 2.08
C LYS C 129 -14.70 -21.84 3.31
N THR C 130 -14.60 -22.55 4.43
CA THR C 130 -15.25 -22.15 5.68
C THR C 130 -14.83 -20.74 6.11
N ILE C 131 -13.52 -20.49 6.15
CA ILE C 131 -12.98 -19.20 6.57
C ILE C 131 -13.47 -18.10 5.62
N THR C 132 -13.38 -18.37 4.32
CA THR C 132 -13.82 -17.44 3.29
C THR C 132 -15.29 -17.10 3.48
N ASP C 133 -16.11 -18.13 3.72
CA ASP C 133 -17.54 -17.96 3.91
C ASP C 133 -17.88 -17.09 5.10
N ILE C 134 -17.21 -17.32 6.22
CA ILE C 134 -17.52 -16.61 7.45
C ILE C 134 -17.08 -15.16 7.34
N VAL C 135 -15.84 -14.96 6.92
CA VAL C 135 -15.22 -13.65 6.97
C VAL C 135 -15.64 -12.78 5.79
N LEU C 136 -15.40 -13.26 4.57
CA LEU C 136 -15.68 -12.47 3.37
C LEU C 136 -17.17 -12.46 2.98
N ASN C 137 -17.76 -13.60 2.67
CA ASN C 137 -19.15 -13.64 2.22
C ASN C 137 -20.11 -13.17 3.31
N GLY C 138 -19.81 -13.48 4.56
CA GLY C 138 -20.60 -13.08 5.70
C GLY C 138 -20.66 -11.57 5.90
N THR C 139 -19.49 -10.91 5.88
CA THR C 139 -19.45 -9.46 5.94
C THR C 139 -20.20 -8.88 4.74
N ALA C 140 -19.99 -9.48 3.57
CA ALA C 140 -20.71 -9.06 2.37
C ALA C 140 -22.23 -9.17 2.55
N PHE C 141 -22.69 -10.34 3.00
CA PHE C 141 -24.11 -10.62 3.18
C PHE C 141 -24.73 -9.66 4.18
N VAL C 142 -24.06 -9.46 5.31
CA VAL C 142 -24.53 -8.50 6.29
C VAL C 142 -24.58 -7.09 5.69
N THR C 143 -23.50 -6.69 5.00
CA THR C 143 -23.41 -5.36 4.42
C THR C 143 -24.44 -5.13 3.32
N LEU C 144 -24.59 -6.12 2.45
CA LEU C 144 -25.55 -6.05 1.35
C LEU C 144 -26.96 -5.80 1.83
N GLU C 145 -27.36 -6.54 2.85
CA GLU C 145 -28.73 -6.55 3.31
C GLU C 145 -29.02 -5.31 4.11
N ILE C 146 -28.12 -4.96 5.04
CA ILE C 146 -28.30 -3.72 5.79
C ILE C 146 -28.30 -2.54 4.84
N GLY C 147 -27.37 -2.54 3.90
CA GLY C 147 -27.27 -1.52 2.87
C GLY C 147 -28.56 -1.30 2.09
N LYS C 148 -29.18 -2.38 1.61
CA LYS C 148 -30.42 -2.32 0.84
C LYS C 148 -31.57 -1.71 1.65
N GLN C 149 -31.65 -2.09 2.94
CA GLN C 149 -32.66 -1.57 3.85
C GLN C 149 -32.46 -0.09 4.10
N LEU C 150 -31.20 0.31 4.27
CA LEU C 150 -30.88 1.70 4.53
C LEU C 150 -31.20 2.59 3.32
N ILE C 151 -30.86 2.10 2.12
CA ILE C 151 -31.21 2.81 0.89
C ILE C 151 -32.74 3.00 0.80
N LYS C 152 -33.48 1.90 0.95
CA LYS C 152 -34.94 1.92 0.99
C LYS C 152 -35.49 2.95 1.98
N ALA C 153 -34.98 2.92 3.21
CA ALA C 153 -35.44 3.79 4.28
C ALA C 153 -34.91 5.23 4.19
N GLN C 154 -34.05 5.50 3.21
CA GLN C 154 -33.36 6.78 3.11
C GLN C 154 -32.62 7.16 4.39
N LYS C 155 -31.92 6.19 4.95
CA LYS C 155 -31.11 6.41 6.13
C LYS C 155 -29.64 6.06 5.86
N GLY C 156 -28.73 6.61 6.66
CA GLY C 156 -27.32 6.30 6.53
C GLY C 156 -26.80 5.61 7.78
N ALA C 157 -25.53 5.24 7.76
CA ALA C 157 -24.88 4.56 8.88
C ALA C 157 -23.36 4.57 8.73
N ALA C 158 -22.65 4.42 9.84
CA ALA C 158 -21.22 4.22 9.83
C ALA C 158 -20.93 2.74 9.99
N PHE C 159 -20.16 2.20 9.05
CA PHE C 159 -19.76 0.80 9.04
C PHE C 159 -18.30 0.66 9.48
N LEU C 160 -18.02 -0.44 10.17
CA LEU C 160 -16.69 -0.71 10.71
C LEU C 160 -16.41 -2.19 10.61
N SER C 161 -15.28 -2.54 9.99
CA SER C 161 -14.85 -3.93 9.89
C SER C 161 -13.57 -4.09 10.65
N ILE C 162 -13.48 -5.14 11.44
CA ILE C 162 -12.26 -5.49 12.15
C ILE C 162 -11.53 -6.50 11.29
N THR C 163 -10.37 -6.15 10.76
CA THR C 163 -9.60 -7.14 10.02
C THR C 163 -8.39 -7.54 10.83
N THR C 164 -7.19 -7.29 10.35
CA THR C 164 -5.98 -7.73 11.02
C THR C 164 -4.80 -7.11 10.32
N ILE C 165 -3.66 -7.02 10.99
CA ILE C 165 -2.49 -6.49 10.32
C ILE C 165 -2.00 -7.35 9.15
N TYR C 166 -2.34 -8.64 9.11
CA TYR C 166 -1.87 -9.47 8.01
C TYR C 166 -2.75 -9.47 6.75
N ALA C 167 -3.90 -8.78 6.81
CA ALA C 167 -4.79 -8.59 5.68
C ALA C 167 -4.12 -7.77 4.57
N GLU C 168 -3.34 -6.78 4.97
CA GLU C 168 -2.62 -5.91 4.08
C GLU C 168 -1.35 -6.56 3.51
N THR C 169 -0.67 -7.36 4.31
CA THR C 169 0.63 -7.90 3.95
C THR C 169 0.58 -9.33 3.47
N GLY C 170 -0.49 -10.05 3.82
CA GLY C 170 -0.51 -11.49 3.71
C GLY C 170 0.28 -12.11 4.85
N SER C 171 0.11 -13.40 5.08
CA SER C 171 0.97 -14.13 6.02
C SER C 171 0.83 -15.62 5.81
N GLY C 172 1.94 -16.34 5.84
CA GLY C 172 1.89 -17.79 5.91
C GLY C 172 1.13 -18.24 7.14
N PHE C 173 0.57 -19.45 7.09
CA PHE C 173 -0.06 -20.10 8.23
C PHE C 173 -1.46 -19.64 8.62
N VAL C 174 -1.90 -18.50 8.07
CA VAL C 174 -3.26 -17.99 8.25
C VAL C 174 -3.79 -17.54 6.88
N VAL C 175 -3.54 -18.37 5.87
CA VAL C 175 -3.73 -17.93 4.50
C VAL C 175 -5.19 -17.66 4.16
N PRO C 176 -6.12 -18.57 4.41
CA PRO C 176 -7.53 -18.27 4.10
C PRO C 176 -8.02 -17.04 4.87
N SER C 177 -7.62 -16.89 6.11
CA SER C 177 -7.98 -15.71 6.88
C SER C 177 -7.41 -14.44 6.24
N ALA C 178 -6.12 -14.47 5.87
CA ALA C 178 -5.47 -13.34 5.24
C ALA C 178 -6.19 -12.92 3.95
N SER C 179 -6.59 -13.91 3.14
CA SER C 179 -7.23 -13.64 1.85
C SER C 179 -8.62 -13.04 2.07
N ALA C 180 -9.38 -13.65 2.97
CA ALA C 180 -10.74 -13.18 3.26
C ALA C 180 -10.77 -11.78 3.88
N LYS C 181 -9.88 -11.53 4.86
CA LYS C 181 -9.76 -10.23 5.48
C LYS C 181 -9.32 -9.15 4.50
N ALA C 182 -8.43 -9.50 3.57
CA ALA C 182 -8.02 -8.56 2.53
C ALA C 182 -9.23 -8.23 1.64
N GLY C 183 -10.05 -9.24 1.35
CA GLY C 183 -11.28 -9.05 0.59
C GLY C 183 -12.22 -8.12 1.34
N VAL C 184 -12.33 -8.29 2.65
CA VAL C 184 -13.07 -7.39 3.50
C VAL C 184 -12.58 -5.93 3.38
N GLU C 185 -11.27 -5.71 3.37
CA GLU C 185 -10.75 -4.36 3.25
C GLU C 185 -11.04 -3.72 1.91
N ALA C 186 -10.89 -4.49 0.83
CA ALA C 186 -11.19 -3.99 -0.52
C ALA C 186 -12.68 -3.59 -0.63
N MSE C 187 -13.55 -4.40 -0.03
CA MSE C 187 -15.00 -4.11 0.02
C MSE C 187 -15.30 -2.79 0.72
O MSE C 187 -16.05 -1.99 0.20
CB MSE C 187 -15.75 -5.24 0.72
CG MSE C 187 -17.27 -5.07 0.71
SE MSE C 187 -18.20 -6.18 2.07
CE MSE C 187 -17.21 -7.90 1.84
N SER C 188 -14.73 -2.59 1.92
CA SER C 188 -14.89 -1.32 2.64
C SER C 188 -14.50 -0.11 1.79
N LYS C 189 -13.31 -0.18 1.19
CA LYS C 189 -12.84 0.88 0.33
C LYS C 189 -13.77 1.09 -0.89
N SER C 190 -14.27 -0.01 -1.43
CA SER C 190 -15.20 -0.01 -2.56
C SER C 190 -16.51 0.71 -2.22
N LEU C 191 -17.10 0.35 -1.09
CA LEU C 191 -18.38 0.89 -0.67
C LEU C 191 -18.30 2.28 -0.03
N ALA C 192 -17.14 2.62 0.51
CA ALA C 192 -16.88 3.99 0.91
C ALA C 192 -17.10 4.92 -0.29
N ALA C 193 -16.60 4.50 -1.44
CA ALA C 193 -16.76 5.29 -2.67
C ALA C 193 -18.17 5.18 -3.23
N GLU C 194 -18.69 3.96 -3.36
CA GLU C 194 -20.00 3.75 -3.99
C GLU C 194 -21.20 4.27 -3.19
N TRP C 195 -21.13 4.15 -1.86
CA TRP C 195 -22.30 4.33 -1.02
C TRP C 195 -22.25 5.59 -0.17
N GLY C 196 -21.23 6.40 -0.37
CA GLY C 196 -21.20 7.72 0.23
C GLY C 196 -22.46 8.51 -0.12
N LYS C 197 -22.92 8.37 -1.36
CA LYS C 197 -24.09 9.08 -1.84
C LYS C 197 -25.37 8.71 -1.07
N TYR C 198 -25.32 7.62 -0.32
CA TYR C 198 -26.44 7.15 0.45
C TYR C 198 -26.28 7.47 1.92
N GLY C 199 -25.21 8.18 2.28
CA GLY C 199 -24.94 8.49 3.67
C GLY C 199 -24.26 7.39 4.45
N MSE C 200 -23.66 6.44 3.75
CA MSE C 200 -22.94 5.34 4.39
C MSE C 200 -21.45 5.59 4.25
O MSE C 200 -20.95 5.85 3.15
CB MSE C 200 -23.31 4.00 3.76
CG MSE C 200 -24.77 3.64 3.98
SE MSE C 200 -25.18 1.85 3.37
CE MSE C 200 -25.99 2.20 1.61
N ARG C 201 -20.74 5.51 5.37
CA ARG C 201 -19.29 5.54 5.35
C ARG C 201 -18.74 4.21 5.90
N PHE C 202 -17.51 3.87 5.50
CA PHE C 202 -16.92 2.55 5.75
C PHE C 202 -15.48 2.66 6.18
N ASN C 203 -15.15 2.19 7.38
CA ASN C 203 -13.77 2.15 7.85
C ASN C 203 -13.36 0.78 8.39
N VAL C 204 -12.07 0.64 8.66
CA VAL C 204 -11.42 -0.63 9.01
C VAL C 204 -10.40 -0.37 10.11
N ILE C 205 -10.39 -1.23 11.15
CA ILE C 205 -9.28 -1.33 12.11
C ILE C 205 -8.53 -2.63 11.86
N GLN C 206 -7.21 -2.53 11.74
CA GLN C 206 -6.34 -3.70 11.65
C GLN C 206 -5.67 -3.93 13.02
N PRO C 207 -6.22 -4.80 13.85
CA PRO C 207 -5.61 -5.06 15.16
C PRO C 207 -4.36 -5.93 15.14
N GLY C 208 -3.43 -5.64 16.04
CA GLY C 208 -2.37 -6.55 16.37
C GLY C 208 -2.86 -7.45 17.50
N PRO C 209 -1.96 -8.14 18.19
CA PRO C 209 -2.36 -9.07 19.26
C PRO C 209 -2.98 -8.35 20.46
N ILE C 210 -4.20 -8.74 20.79
CA ILE C 210 -4.88 -8.16 21.93
C ILE C 210 -5.07 -9.19 23.01
N LYS C 211 -4.76 -8.80 24.26
CA LYS C 211 -4.98 -9.63 25.44
C LYS C 211 -6.45 -10.08 25.51
N THR C 212 -6.72 -11.26 24.94
CA THR C 212 -8.06 -11.85 24.93
C THR C 212 -8.08 -13.17 25.70
N THR C 222 3.33 -22.38 28.79
CA THR C 222 4.39 -21.88 29.67
C THR C 222 4.44 -20.34 29.73
N GLY C 223 3.75 -19.68 28.80
CA GLY C 223 3.75 -18.22 28.72
C GLY C 223 4.94 -17.60 27.99
N THR C 224 5.79 -18.44 27.38
CA THR C 224 6.99 -17.94 26.69
C THR C 224 6.68 -17.35 25.31
N PHE C 225 5.66 -17.92 24.63
CA PHE C 225 5.25 -17.42 23.32
C PHE C 225 4.76 -15.98 23.44
N GLU C 226 3.94 -15.70 24.46
CA GLU C 226 3.49 -14.34 24.72
C GLU C 226 4.65 -13.39 24.97
N LYS C 227 5.63 -13.83 25.76
CA LYS C 227 6.78 -13.00 26.07
C LYS C 227 7.59 -12.68 24.82
N GLU C 228 7.71 -13.65 23.93
CA GLU C 228 8.41 -13.48 22.67
C GLU C 228 7.66 -12.54 21.72
N MSE C 229 6.33 -12.62 21.74
CA MSE C 229 5.45 -11.79 20.92
C MSE C 229 5.67 -10.32 21.22
O MSE C 229 5.73 -9.49 20.32
CB MSE C 229 3.99 -12.12 21.20
CG MSE C 229 3.39 -13.21 20.34
SE MSE C 229 1.42 -13.11 20.47
CE MSE C 229 1.06 -14.53 21.85
N ILE C 230 5.81 -10.01 22.51
CA ILE C 230 6.05 -8.65 22.97
C ILE C 230 7.37 -8.07 22.43
N GLY C 231 8.38 -8.92 22.24
CA GLY C 231 9.66 -8.48 21.73
C GLY C 231 9.58 -7.93 20.30
N ARG C 232 8.46 -8.22 19.65
CA ARG C 232 8.18 -7.73 18.30
C ARG C 232 7.26 -6.51 18.34
N ILE C 233 7.01 -5.98 19.54
CA ILE C 233 6.07 -4.87 19.70
C ILE C 233 6.75 -3.62 20.34
N PRO C 234 6.96 -2.58 19.53
CA PRO C 234 7.56 -1.32 20.02
C PRO C 234 6.93 -0.75 21.29
N CYS C 235 5.61 -0.85 21.43
CA CYS C 235 4.94 -0.35 22.61
C CYS C 235 5.16 -1.24 23.85
N GLY C 236 5.74 -2.43 23.65
CA GLY C 236 6.23 -3.25 24.75
C GLY C 236 5.20 -4.02 25.56
N ARG C 237 4.02 -4.20 24.97
CA ARG C 237 2.89 -4.87 25.62
C ARG C 237 1.86 -5.22 24.56
N LEU C 238 0.93 -6.12 24.91
CA LEU C 238 -0.23 -6.39 24.07
C LEU C 238 -1.25 -5.28 24.25
N GLY C 239 -2.20 -5.18 23.33
CA GLY C 239 -3.29 -4.23 23.43
C GLY C 239 -4.37 -4.75 24.35
N THR C 240 -5.26 -3.87 24.79
CA THR C 240 -6.40 -4.25 25.59
C THR C 240 -7.67 -4.06 24.79
N VAL C 241 -8.69 -4.81 25.17
CA VAL C 241 -10.00 -4.72 24.53
C VAL C 241 -10.61 -3.30 24.65
N GLU C 242 -10.49 -2.69 25.82
CA GLU C 242 -11.06 -1.37 26.08
C GLU C 242 -10.45 -0.28 25.19
N GLU C 243 -9.13 -0.33 25.00
CA GLU C 243 -8.45 0.57 24.07
C GLU C 243 -9.00 0.39 22.66
N LEU C 244 -9.16 -0.86 22.23
CA LEU C 244 -9.68 -1.12 20.89
C LEU C 244 -11.07 -0.55 20.76
N ALA C 245 -11.89 -0.70 21.79
CA ALA C 245 -13.27 -0.23 21.76
C ALA C 245 -13.36 1.29 21.72
N ASN C 246 -12.45 1.99 22.39
CA ASN C 246 -12.41 3.45 22.28
C ASN C 246 -12.17 3.87 20.82
N LEU C 247 -11.24 3.18 20.13
CA LEU C 247 -10.95 3.51 18.74
C LEU C 247 -12.19 3.24 17.87
N ALA C 248 -12.79 2.06 18.05
CA ALA C 248 -13.99 1.70 17.31
C ALA C 248 -15.15 2.66 17.55
N ALA C 249 -15.38 3.05 18.80
CA ALA C 249 -16.45 3.97 19.13
C ALA C 249 -16.18 5.35 18.53
N PHE C 250 -14.93 5.81 18.61
CA PHE C 250 -14.55 7.01 17.89
C PHE C 250 -14.95 6.97 16.41
N LEU C 251 -14.55 5.89 15.71
CA LEU C 251 -14.79 5.78 14.27
C LEU C 251 -16.26 5.68 13.88
N CYS C 252 -17.08 5.21 14.82
CA CYS C 252 -18.50 5.03 14.60
C CYS C 252 -19.31 6.20 15.17
N SER C 253 -18.62 7.25 15.59
CA SER C 253 -19.27 8.41 16.20
C SER C 253 -19.31 9.57 15.22
N ASP C 254 -20.18 10.54 15.49
CA ASP C 254 -20.34 11.69 14.59
C ASP C 254 -19.11 12.60 14.60
N TYR C 255 -18.20 12.41 15.55
CA TYR C 255 -16.93 13.13 15.53
C TYR C 255 -16.07 12.74 14.33
N ALA C 256 -16.40 11.59 13.73
CA ALA C 256 -15.66 11.01 12.62
C ALA C 256 -16.51 10.92 11.37
N SER C 257 -17.47 11.84 11.23
CA SER C 257 -18.39 11.85 10.09
C SER C 257 -17.73 12.14 8.73
N TRP C 258 -16.52 12.72 8.74
CA TRP C 258 -15.76 12.92 7.50
C TRP C 258 -14.64 11.87 7.33
N ILE C 259 -14.62 10.86 8.18
CA ILE C 259 -13.67 9.74 8.06
C ILE C 259 -14.33 8.57 7.34
N ASN C 260 -13.75 8.23 6.20
CA ASN C 260 -14.39 7.33 5.28
C ASN C 260 -13.37 6.69 4.34
N GLY C 261 -13.36 5.37 4.28
CA GLY C 261 -12.37 4.65 3.52
C GLY C 261 -11.05 4.50 4.24
N ALA C 262 -11.02 4.81 5.54
CA ALA C 262 -9.77 4.77 6.29
C ALA C 262 -9.46 3.36 6.81
N VAL C 263 -8.17 3.09 7.02
CA VAL C 263 -7.67 1.82 7.53
C VAL C 263 -6.71 2.16 8.66
N ILE C 264 -7.06 1.77 9.89
CA ILE C 264 -6.26 2.17 11.05
C ILE C 264 -5.62 0.95 11.70
N LYS C 265 -4.30 0.91 11.71
CA LYS C 265 -3.55 -0.11 12.46
C LYS C 265 -3.68 0.18 13.94
N PHE C 266 -4.07 -0.84 14.69
CA PHE C 266 -4.09 -0.79 16.15
C PHE C 266 -3.21 -1.95 16.63
N ASP C 267 -1.91 -1.72 16.74
CA ASP C 267 -0.98 -2.84 16.84
C ASP C 267 0.26 -2.60 17.66
N GLY C 268 0.31 -1.48 18.38
CA GLY C 268 1.48 -1.14 19.19
C GLY C 268 2.75 -0.93 18.41
N GLY C 269 2.63 -0.80 17.08
CA GLY C 269 3.79 -0.62 16.23
C GLY C 269 4.31 -1.92 15.64
N GLU C 270 3.60 -3.03 15.88
CA GLU C 270 4.13 -4.33 15.47
C GLU C 270 4.38 -4.45 13.96
N GLU C 271 3.43 -4.03 13.14
CA GLU C 271 3.61 -4.14 11.69
C GLU C 271 4.81 -3.36 11.15
N VAL C 272 5.02 -2.12 11.60
CA VAL C 272 6.17 -1.37 11.12
C VAL C 272 7.49 -2.01 11.58
N LEU C 273 7.47 -2.61 12.78
CA LEU C 273 8.66 -3.25 13.30
C LEU C 273 9.03 -4.48 12.45
N ILE C 274 8.10 -5.43 12.32
CA ILE C 274 8.41 -6.66 11.59
C ILE C 274 8.68 -6.42 10.10
N SER C 275 8.01 -5.44 9.50
CA SER C 275 8.14 -5.19 8.06
C SER C 275 9.40 -4.42 7.64
N GLY C 276 10.06 -3.74 8.58
CA GLY C 276 11.25 -2.97 8.26
C GLY C 276 12.49 -3.83 8.12
N GLU C 277 13.14 -3.79 6.95
CA GLU C 277 14.24 -4.69 6.64
C GLU C 277 15.38 -4.76 7.68
N PHE C 278 15.73 -3.62 8.27
CA PHE C 278 16.87 -3.57 9.19
C PHE C 278 16.49 -3.43 10.64
N ASN C 279 15.22 -3.68 10.95
CA ASN C 279 14.74 -3.55 12.31
C ASN C 279 15.27 -4.65 13.23
N ASP C 280 15.79 -5.72 12.65
CA ASP C 280 16.47 -6.76 13.41
C ASP C 280 17.76 -6.23 14.06
N LEU C 281 18.27 -5.11 13.54
CA LEU C 281 19.45 -4.44 14.11
C LEU C 281 19.18 -3.82 15.49
N ARG C 282 17.94 -3.93 15.96
CA ARG C 282 17.58 -3.45 17.30
C ARG C 282 18.28 -4.25 18.41
N LYS C 283 18.76 -5.45 18.09
CA LYS C 283 19.46 -6.31 19.02
C LYS C 283 20.93 -5.90 19.24
N VAL C 284 21.47 -5.14 18.29
CA VAL C 284 22.83 -4.61 18.35
C VAL C 284 22.97 -3.67 19.55
N THR C 285 24.03 -3.85 20.33
CA THR C 285 24.29 -3.02 21.53
C THR C 285 25.11 -1.77 21.22
N LYS C 286 25.14 -0.84 22.17
CA LYS C 286 25.88 0.42 22.02
C LYS C 286 27.37 0.23 21.79
N GLU C 287 27.97 -0.71 22.53
CA GLU C 287 29.40 -0.98 22.38
C GLU C 287 29.72 -1.58 21.00
N GLN C 288 28.80 -2.41 20.50
CA GLN C 288 28.88 -2.96 19.15
C GLN C 288 28.77 -1.84 18.11
N TRP C 289 27.85 -0.91 18.33
CA TRP C 289 27.65 0.23 17.44
C TRP C 289 28.89 1.13 17.35
N ASP C 290 29.57 1.31 18.48
CA ASP C 290 30.84 2.04 18.53
C ASP C 290 31.93 1.37 17.65
N THR C 291 32.00 0.04 17.71
CA THR C 291 32.91 -0.75 16.87
C THR C 291 32.55 -0.64 15.37
N ILE C 292 31.27 -0.81 15.04
CA ILE C 292 30.81 -0.82 13.65
C ILE C 292 30.89 0.56 12.97
N GLU C 293 30.75 1.63 13.74
CA GLU C 293 30.88 3.00 13.23
C GLU C 293 32.34 3.36 12.90
N GLU C 294 33.29 2.67 13.55
CA GLU C 294 34.72 2.79 13.24
C GLU C 294 35.07 2.09 11.91
N LEU C 295 34.20 1.19 11.46
CA LEU C 295 34.39 0.44 10.22
C LEU C 295 33.59 1.05 9.07
N MSE D 1 -34.52 11.18 0.18
CA MSE D 1 -33.96 12.48 -0.24
C MSE D 1 -32.83 12.29 -1.24
O MSE D 1 -32.36 11.16 -1.44
CB MSE D 1 -33.49 13.28 0.98
CG MSE D 1 -32.47 12.61 1.83
SE MSE D 1 -32.95 12.65 3.72
CE MSE D 1 -31.67 13.89 4.35
N ASN D 2 -32.40 13.37 -1.89
CA ASN D 2 -31.30 13.31 -2.85
C ASN D 2 -29.95 13.12 -2.16
N THR D 3 -28.91 12.95 -2.98
CA THR D 3 -27.54 12.72 -2.53
C THR D 3 -27.06 13.79 -1.53
N GLU D 4 -27.12 15.05 -1.97
CA GLU D 4 -26.65 16.18 -1.18
C GLU D 4 -27.26 16.17 0.22
N ALA D 5 -28.53 15.78 0.30
CA ALA D 5 -29.30 15.82 1.53
C ALA D 5 -28.94 14.66 2.48
N LEU D 6 -28.77 13.48 1.92
CA LEU D 6 -28.25 12.32 2.65
C LEU D 6 -26.85 12.62 3.19
N GLN D 7 -26.01 13.20 2.34
CA GLN D 7 -24.64 13.56 2.71
C GLN D 7 -24.62 14.58 3.85
N SER D 8 -25.45 15.62 3.72
CA SER D 8 -25.59 16.62 4.76
C SER D 8 -26.16 16.05 6.04
N LYS D 9 -27.14 15.15 5.94
CA LYS D 9 -27.77 14.61 7.15
C LYS D 9 -26.84 13.63 7.83
N PHE D 10 -26.24 12.73 7.06
CA PHE D 10 -25.51 11.64 7.68
C PHE D 10 -24.01 11.86 7.83
N PHE D 11 -23.47 12.93 7.22
CA PHE D 11 -22.06 13.31 7.45
C PHE D 11 -21.89 14.74 8.00
N SER D 12 -22.82 15.15 8.85
CA SER D 12 -22.78 16.50 9.40
C SER D 12 -21.58 16.66 10.35
N PRO D 13 -20.83 17.74 10.21
CA PRO D 13 -19.66 18.00 11.08
C PRO D 13 -20.03 18.20 12.53
N LEU D 14 -19.25 17.61 13.44
CA LEU D 14 -19.39 17.85 14.86
C LEU D 14 -18.17 18.61 15.33
N GLN D 15 -18.32 19.93 15.46
CA GLN D 15 -17.16 20.81 15.53
C GLN D 15 -16.73 21.19 16.94
N LYS D 16 -17.22 20.46 17.94
CA LYS D 16 -16.88 20.73 19.34
C LYS D 16 -15.84 19.74 19.83
N ALA D 17 -15.11 20.12 20.87
CA ALA D 17 -14.15 19.23 21.54
C ALA D 17 -14.77 17.88 21.87
N MSE D 18 -13.98 16.83 21.66
CA MSE D 18 -14.46 15.47 21.84
C MSE D 18 -13.96 14.87 23.14
O MSE D 18 -14.68 14.20 23.87
CB MSE D 18 -14.01 14.63 20.66
CG MSE D 18 -13.99 13.15 20.91
SE MSE D 18 -13.60 12.23 19.26
CE MSE D 18 -11.64 11.96 19.55
N LEU D 19 -12.67 15.07 23.40
CA LEU D 19 -12.01 14.54 24.57
C LEU D 19 -12.55 15.26 25.85
N PRO D 20 -12.39 14.64 27.01
CA PRO D 20 -12.95 15.21 28.25
C PRO D 20 -12.32 16.56 28.59
N PRO D 21 -13.09 17.49 29.15
CA PRO D 21 -12.55 18.80 29.53
C PRO D 21 -11.32 18.63 30.43
N ASN D 22 -10.27 19.43 30.21
CA ASN D 22 -9.01 19.35 30.96
C ASN D 22 -8.20 18.03 30.86
N SER D 23 -8.50 17.21 29.86
CA SER D 23 -7.80 15.93 29.70
C SER D 23 -6.32 16.08 29.37
N PHE D 24 -5.94 17.23 28.79
CA PHE D 24 -4.56 17.48 28.42
C PHE D 24 -3.80 18.35 29.44
N GLN D 25 -4.38 18.53 30.62
CA GLN D 25 -3.71 19.29 31.66
C GLN D 25 -2.43 18.60 32.09
N GLY D 26 -1.38 19.39 32.24
CA GLY D 26 -0.07 18.83 32.58
C GLY D 26 0.68 18.26 31.39
N LYS D 27 0.11 18.38 30.18
CA LYS D 27 0.82 18.00 28.96
C LYS D 27 1.38 19.24 28.26
N VAL D 28 2.61 19.12 27.74
CA VAL D 28 3.14 20.14 26.85
C VAL D 28 3.16 19.67 25.38
N ALA D 29 2.61 20.53 24.51
CA ALA D 29 2.50 20.28 23.08
C ALA D 29 3.32 21.28 22.27
N PHE D 30 4.06 20.77 21.29
CA PHE D 30 4.85 21.58 20.37
C PHE D 30 4.33 21.37 18.94
N ILE D 31 3.89 22.46 18.31
CA ILE D 31 3.30 22.45 16.97
C ILE D 31 4.06 23.38 16.01
N THR D 32 4.75 22.80 15.02
CA THR D 32 5.32 23.61 13.95
C THR D 32 4.20 24.04 13.02
N GLY D 33 4.28 25.28 12.55
CA GLY D 33 3.20 25.87 11.78
C GLY D 33 1.93 26.11 12.57
N GLY D 34 2.06 26.20 13.90
CA GLY D 34 0.92 26.39 14.77
C GLY D 34 0.17 27.73 14.72
N GLY D 35 0.70 28.70 13.96
CA GLY D 35 0.09 30.02 13.87
C GLY D 35 -1.05 30.17 12.87
N THR D 36 -1.18 29.24 11.92
CA THR D 36 -2.21 29.35 10.88
C THR D 36 -2.91 28.03 10.62
N GLY D 37 -4.05 28.11 9.94
CA GLY D 37 -4.77 26.97 9.41
C GLY D 37 -4.84 25.80 10.36
N LEU D 38 -4.40 24.63 9.87
CA LEU D 38 -4.51 23.37 10.59
C LEU D 38 -3.74 23.41 11.92
N GLY D 39 -2.51 23.90 11.88
CA GLY D 39 -1.71 24.06 13.08
C GLY D 39 -2.40 24.89 14.16
N LYS D 40 -2.96 26.02 13.75
CA LYS D 40 -3.76 26.88 14.65
C LYS D 40 -4.99 26.17 15.23
N GLY D 41 -5.73 25.44 14.41
CA GLY D 41 -6.86 24.68 14.92
C GLY D 41 -6.47 23.61 15.95
N MSE D 42 -5.36 22.94 15.68
CA MSE D 42 -4.87 21.90 16.59
C MSE D 42 -4.39 22.49 17.92
O MSE D 42 -4.69 21.96 18.98
CB MSE D 42 -3.79 21.07 15.92
CG MSE D 42 -4.36 20.13 14.85
SE MSE D 42 -2.98 19.07 13.98
CE MSE D 42 -2.02 20.45 12.95
N THR D 43 -3.65 23.60 17.83
CA THR D 43 -3.25 24.37 19.00
C THR D 43 -4.46 24.83 19.83
N THR D 44 -5.41 25.48 19.18
CA THR D 44 -6.64 25.92 19.84
C THR D 44 -7.27 24.78 20.65
N LEU D 45 -7.57 23.67 19.99
CA LEU D 45 -8.12 22.50 20.69
C LEU D 45 -7.26 22.00 21.85
N LEU D 46 -5.96 21.85 21.63
CA LEU D 46 -5.10 21.29 22.68
C LEU D 46 -5.04 22.24 23.89
N SER D 47 -4.81 23.53 23.61
CA SER D 47 -4.81 24.57 24.62
C SER D 47 -6.10 24.56 25.43
N SER D 48 -7.22 24.49 24.73
CA SER D 48 -8.52 24.54 25.35
C SER D 48 -8.83 23.30 26.20
N LEU D 49 -8.15 22.19 25.89
CA LEU D 49 -8.22 20.98 26.69
C LEU D 49 -7.17 20.96 27.82
N GLY D 50 -6.49 22.08 28.02
CA GLY D 50 -5.55 22.23 29.13
C GLY D 50 -4.07 22.02 28.86
N ALA D 51 -3.71 21.70 27.62
CA ALA D 51 -2.29 21.54 27.27
C ALA D 51 -1.54 22.86 27.33
N GLN D 52 -0.28 22.81 27.72
CA GLN D 52 0.59 23.96 27.53
C GLN D 52 1.23 23.89 26.15
N CYS D 53 0.86 24.82 25.28
CA CYS D 53 1.27 24.76 23.87
C CYS D 53 2.41 25.71 23.54
N VAL D 54 3.34 25.22 22.71
CA VAL D 54 4.41 26.00 22.13
C VAL D 54 4.30 25.89 20.59
N ILE D 55 4.12 27.02 19.91
CA ILE D 55 4.04 27.06 18.45
C ILE D 55 5.28 27.70 17.82
N ALA D 56 5.62 27.25 16.62
CA ALA D 56 6.84 27.71 15.98
C ALA D 56 6.71 27.76 14.47
N SER D 57 7.02 28.93 13.90
CA SER D 57 7.15 29.11 12.45
C SER D 57 8.00 30.36 12.15
N ARG D 58 8.02 30.79 10.88
CA ARG D 58 8.91 31.88 10.47
C ARG D 58 8.41 33.27 10.86
N LYS D 59 7.11 33.52 10.71
CA LYS D 59 6.53 34.84 10.90
C LYS D 59 6.09 35.13 12.34
N MSE D 60 7.01 35.71 13.11
CA MSE D 60 6.79 36.11 14.51
C MSE D 60 5.52 36.92 14.75
O MSE D 60 4.85 36.75 15.77
CB MSE D 60 8.00 36.91 15.03
CG MSE D 60 8.71 36.32 16.26
SE MSE D 60 7.58 35.18 17.44
CE MSE D 60 8.72 35.21 19.07
N ASP D 61 5.19 37.79 13.80
CA ASP D 61 4.00 38.62 13.86
C ASP D 61 2.73 37.79 13.96
N VAL D 62 2.54 36.89 12.99
CA VAL D 62 1.34 36.05 12.94
C VAL D 62 1.35 35.10 14.14
N LEU D 63 2.55 34.64 14.50
CA LEU D 63 2.73 33.69 15.58
C LEU D 63 2.27 34.27 16.93
N LYS D 64 2.79 35.45 17.28
CA LYS D 64 2.39 36.16 18.50
C LYS D 64 0.89 36.45 18.56
N ALA D 65 0.33 37.00 17.48
CA ALA D 65 -1.10 37.27 17.39
C ALA D 65 -1.95 36.03 17.66
N THR D 66 -1.57 34.90 17.06
CA THR D 66 -2.27 33.64 17.28
C THR D 66 -2.11 33.12 18.72
N ALA D 67 -0.88 33.15 19.24
CA ALA D 67 -0.63 32.71 20.62
C ALA D 67 -1.51 33.52 21.58
N GLU D 68 -1.43 34.84 21.47
CA GLU D 68 -2.26 35.75 22.29
C GLU D 68 -3.75 35.51 22.10
N GLN D 69 -4.19 35.33 20.86
CA GLN D 69 -5.61 35.08 20.59
C GLN D 69 -6.14 33.77 21.24
N ILE D 70 -5.35 32.70 21.18
CA ILE D 70 -5.79 31.43 21.75
C ILE D 70 -5.73 31.51 23.27
N SER D 71 -4.63 32.05 23.78
CA SER D 71 -4.38 32.24 25.22
C SER D 71 -5.54 32.90 25.98
N SER D 72 -6.12 33.94 25.39
CA SER D 72 -7.17 34.70 26.05
C SER D 72 -8.51 33.98 25.89
N GLN D 73 -8.61 33.16 24.84
CA GLN D 73 -9.78 32.30 24.64
C GLN D 73 -9.83 31.12 25.64
N THR D 74 -8.67 30.53 25.96
CA THR D 74 -8.64 29.30 26.75
C THR D 74 -8.20 29.49 28.20
N GLY D 75 -7.49 30.58 28.47
CA GLY D 75 -6.91 30.83 29.78
C GLY D 75 -5.56 30.19 29.93
N ASN D 76 -5.19 29.32 29.00
CA ASN D 76 -3.94 28.59 29.09
C ASN D 76 -2.88 29.15 28.16
N LYS D 77 -1.62 29.12 28.60
CA LYS D 77 -0.57 29.83 27.90
C LYS D 77 -0.11 29.16 26.61
N VAL D 78 -0.06 29.95 25.54
CA VAL D 78 0.55 29.53 24.29
C VAL D 78 1.83 30.35 24.11
N HIS D 79 2.98 29.68 24.00
CA HIS D 79 4.23 30.35 23.71
C HIS D 79 4.56 30.31 22.23
N ALA D 80 5.03 31.45 21.71
CA ALA D 80 5.47 31.55 20.33
C ALA D 80 6.99 31.56 20.29
N ILE D 81 7.54 30.80 19.34
CA ILE D 81 8.98 30.77 19.11
C ILE D 81 9.20 30.87 17.60
N GLN D 82 9.98 31.87 17.17
CA GLN D 82 10.34 31.98 15.76
C GLN D 82 11.30 30.87 15.38
N CYS D 83 10.98 30.15 14.31
CA CYS D 83 11.81 29.03 13.85
C CYS D 83 11.60 28.74 12.37
N ASP D 84 12.69 28.69 11.61
CA ASP D 84 12.69 28.10 10.27
C ASP D 84 13.15 26.65 10.41
N VAL D 85 12.26 25.70 10.21
CA VAL D 85 12.57 24.32 10.54
C VAL D 85 13.67 23.74 9.64
N ARG D 86 13.98 24.40 8.53
CA ARG D 86 15.03 23.85 7.67
C ARG D 86 16.42 24.26 8.10
N ASP D 87 16.50 25.01 9.19
CA ASP D 87 17.79 25.41 9.74
C ASP D 87 18.03 24.74 11.08
N PRO D 88 18.99 23.82 11.12
CA PRO D 88 19.26 23.02 12.31
C PRO D 88 19.56 23.84 13.57
N ASP D 89 20.23 24.99 13.40
CA ASP D 89 20.57 25.85 14.53
C ASP D 89 19.35 26.50 15.18
N MSE D 90 18.47 27.08 14.36
CA MSE D 90 17.22 27.66 14.85
C MSE D 90 16.37 26.58 15.52
O MSE D 90 15.69 26.84 16.53
CB MSE D 90 16.43 28.32 13.72
CG MSE D 90 17.05 29.59 13.17
SE MSE D 90 15.66 30.71 12.38
CE MSE D 90 15.06 31.72 14.02
N VAL D 91 16.43 25.37 14.96
CA VAL D 91 15.74 24.21 15.50
C VAL D 91 16.30 23.85 16.87
N GLN D 92 17.62 23.73 16.98
CA GLN D 92 18.27 23.46 18.26
C GLN D 92 17.93 24.54 19.32
N ASN D 93 17.98 25.83 18.94
CA ASN D 93 17.58 26.94 19.83
C ASN D 93 16.13 26.79 20.23
N THR D 94 15.29 26.51 19.23
CA THR D 94 13.86 26.41 19.45
C THR D 94 13.52 25.32 20.48
N VAL D 95 14.19 24.17 20.39
CA VAL D 95 13.91 23.04 21.29
C VAL D 95 14.45 23.37 22.68
N SER D 96 15.61 24.02 22.72
CA SER D 96 16.20 24.54 23.96
C SER D 96 15.21 25.47 24.67
N GLU D 97 14.71 26.47 23.94
CA GLU D 97 13.70 27.35 24.51
C GLU D 97 12.42 26.60 24.90
N LEU D 98 11.94 25.71 24.02
CA LEU D 98 10.76 24.90 24.32
C LEU D 98 10.86 24.26 25.71
N ILE D 99 12.00 23.64 25.97
CA ILE D 99 12.24 22.95 27.22
C ILE D 99 12.37 23.92 28.42
N LYS D 100 12.78 25.16 28.15
CA LYS D 100 12.98 26.14 29.21
C LYS D 100 11.66 26.74 29.68
N VAL D 101 10.79 27.08 28.72
CA VAL D 101 9.54 27.76 29.03
C VAL D 101 8.38 26.82 29.38
N ALA D 102 8.48 25.55 29.00
CA ALA D 102 7.40 24.59 29.18
C ALA D 102 7.89 23.25 29.70
N GLY D 103 9.03 22.80 29.21
CA GLY D 103 9.56 21.50 29.60
C GLY D 103 9.52 20.57 28.40
N HIS D 104 9.99 19.34 28.60
CA HIS D 104 10.01 18.36 27.52
C HIS D 104 8.60 18.13 27.00
N PRO D 105 8.44 18.11 25.67
CA PRO D 105 7.12 17.95 25.08
C PRO D 105 6.59 16.55 25.27
N ASN D 106 5.28 16.44 25.48
CA ASN D 106 4.59 15.14 25.48
C ASN D 106 3.98 14.86 24.10
N ILE D 107 3.78 15.94 23.34
CA ILE D 107 3.10 15.94 22.07
C ILE D 107 3.92 16.77 21.10
N VAL D 108 4.32 16.15 19.99
CA VAL D 108 5.04 16.87 18.95
C VAL D 108 4.25 16.74 17.66
N ILE D 109 3.78 17.86 17.13
CA ILE D 109 3.08 17.88 15.85
C ILE D 109 3.89 18.61 14.77
N ASN D 110 4.32 17.83 13.78
CA ASN D 110 5.03 18.33 12.62
C ASN D 110 4.04 18.69 11.53
N ASN D 111 3.79 19.99 11.42
CA ASN D 111 2.74 20.52 10.56
C ASN D 111 3.21 21.61 9.58
N ALA D 112 4.36 22.22 9.84
CA ALA D 112 4.94 23.22 8.94
C ALA D 112 5.18 22.62 7.55
N ALA D 113 4.71 23.32 6.52
CA ALA D 113 4.90 22.88 5.15
C ALA D 113 5.00 24.05 4.17
N GLY D 114 5.38 23.73 2.95
CA GLY D 114 5.35 24.68 1.85
C GLY D 114 4.82 23.88 0.68
N ASN D 115 4.16 24.53 -0.26
CA ASN D 115 3.67 23.85 -1.45
C ASN D 115 3.56 24.82 -2.61
N PHE D 116 3.85 24.31 -3.82
CA PHE D 116 3.56 25.04 -5.05
C PHE D 116 2.64 24.15 -5.88
N ILE D 117 1.55 24.69 -6.39
CA ILE D 117 0.81 24.00 -7.45
C ILE D 117 1.37 24.51 -8.77
N SER D 118 1.99 23.62 -9.54
CA SER D 118 2.69 24.01 -10.75
C SER D 118 2.97 22.78 -11.59
N PRO D 119 2.90 22.92 -12.91
CA PRO D 119 3.51 21.94 -13.82
C PRO D 119 4.96 21.80 -13.43
N THR D 120 5.45 20.56 -13.35
CA THR D 120 6.77 20.28 -12.80
C THR D 120 7.88 20.86 -13.65
N GLU D 121 7.64 20.95 -14.97
CA GLU D 121 8.66 21.46 -15.90
C GLU D 121 8.90 22.97 -15.74
N ARG D 122 8.02 23.65 -15.00
CA ARG D 122 8.18 25.07 -14.72
C ARG D 122 8.86 25.31 -13.39
N LEU D 123 9.21 24.26 -12.66
CA LEU D 123 9.93 24.42 -11.39
C LEU D 123 11.41 24.56 -11.61
N SER D 124 12.05 25.48 -10.90
CA SER D 124 13.50 25.53 -10.86
C SER D 124 13.98 24.52 -9.84
N PRO D 125 15.26 24.12 -9.91
CA PRO D 125 15.85 23.27 -8.86
C PRO D 125 15.67 23.86 -7.46
N ASN D 126 15.87 25.15 -7.30
CA ASN D 126 15.69 25.81 -6.00
C ASN D 126 14.27 25.73 -5.47
N ALA D 127 13.28 25.84 -6.37
CA ALA D 127 11.89 25.74 -5.97
C ALA D 127 11.63 24.35 -5.39
N TRP D 128 12.16 23.32 -6.05
CA TRP D 128 12.04 21.94 -5.60
C TRP D 128 12.70 21.76 -4.24
N LYS D 129 13.96 22.21 -4.14
CA LYS D 129 14.73 22.04 -2.93
C LYS D 129 14.07 22.72 -1.73
N THR D 130 13.43 23.86 -1.96
CA THR D 130 12.73 24.58 -0.90
C THR D 130 11.67 23.71 -0.25
N ILE D 131 10.79 23.11 -1.06
CA ILE D 131 9.73 22.25 -0.54
C ILE D 131 10.32 21.06 0.24
N THR D 132 11.34 20.44 -0.33
CA THR D 132 12.02 19.31 0.32
C THR D 132 12.63 19.71 1.65
N ASP D 133 13.31 20.86 1.68
CA ASP D 133 13.92 21.39 2.91
C ASP D 133 12.93 21.63 4.04
N ILE D 134 11.82 22.31 3.74
CA ILE D 134 10.81 22.62 4.74
C ILE D 134 10.09 21.37 5.23
N VAL D 135 9.62 20.53 4.30
CA VAL D 135 8.74 19.43 4.68
C VAL D 135 9.53 18.27 5.28
N LEU D 136 10.48 17.75 4.51
CA LEU D 136 11.19 16.54 4.90
C LEU D 136 12.36 16.82 5.84
N ASN D 137 13.33 17.60 5.41
CA ASN D 137 14.44 17.95 6.29
C ASN D 137 13.98 18.67 7.56
N GLY D 138 13.02 19.60 7.41
CA GLY D 138 12.44 20.31 8.53
C GLY D 138 11.85 19.38 9.58
N THR D 139 11.04 18.43 9.13
CA THR D 139 10.47 17.44 10.02
C THR D 139 11.54 16.56 10.62
N ALA D 140 12.51 16.12 9.82
CA ALA D 140 13.66 15.34 10.33
C ALA D 140 14.43 16.10 11.41
N PHE D 141 14.76 17.37 11.14
CA PHE D 141 15.53 18.18 12.08
C PHE D 141 14.82 18.33 13.44
N VAL D 142 13.54 18.67 13.40
CA VAL D 142 12.73 18.82 14.61
C VAL D 142 12.67 17.49 15.37
N THR D 143 12.40 16.41 14.65
CA THR D 143 12.31 15.07 15.24
C THR D 143 13.64 14.58 15.84
N LEU D 144 14.72 14.81 15.11
CA LEU D 144 16.05 14.41 15.56
C LEU D 144 16.43 15.09 16.88
N GLU D 145 16.19 16.39 16.95
CA GLU D 145 16.63 17.19 18.09
C GLU D 145 15.74 16.91 19.29
N ILE D 146 14.42 16.89 19.10
CA ILE D 146 13.53 16.56 20.20
C ILE D 146 13.80 15.12 20.64
N GLY D 147 13.94 14.21 19.68
CA GLY D 147 14.22 12.82 19.99
C GLY D 147 15.45 12.66 20.85
N LYS D 148 16.55 13.30 20.46
CA LYS D 148 17.80 13.28 21.23
C LYS D 148 17.63 13.74 22.69
N GLN D 149 16.88 14.82 22.88
CA GLN D 149 16.64 15.41 24.20
C GLN D 149 15.79 14.49 25.07
N LEU D 150 14.83 13.80 24.47
CA LEU D 150 13.92 12.92 25.19
C LEU D 150 14.62 11.66 25.67
N ILE D 151 15.55 11.17 24.85
CA ILE D 151 16.36 10.01 25.19
C ILE D 151 17.26 10.33 26.38
N LYS D 152 17.88 11.51 26.34
CA LYS D 152 18.76 11.97 27.41
C LYS D 152 17.98 12.11 28.71
N ALA D 153 16.77 12.68 28.63
CA ALA D 153 15.92 12.91 29.79
C ALA D 153 15.10 11.68 30.20
N GLN D 154 15.21 10.61 29.41
CA GLN D 154 14.43 9.38 29.63
C GLN D 154 12.93 9.64 29.72
N LYS D 155 12.43 10.51 28.83
CA LYS D 155 10.99 10.75 28.70
C LYS D 155 10.54 10.35 27.30
N GLY D 156 9.26 10.04 27.17
CA GLY D 156 8.70 9.63 25.88
C GLY D 156 7.74 10.69 25.41
N ALA D 157 7.11 10.47 24.26
CA ALA D 157 6.14 11.40 23.69
C ALA D 157 5.44 10.82 22.46
N ALA D 158 4.33 11.45 22.10
CA ALA D 158 3.55 11.10 20.94
C ALA D 158 3.87 12.10 19.83
N PHE D 159 4.32 11.57 18.69
CA PHE D 159 4.60 12.37 17.51
C PHE D 159 3.50 12.18 16.47
N LEU D 160 3.16 13.29 15.83
CA LEU D 160 2.18 13.30 14.77
C LEU D 160 2.68 14.17 13.63
N SER D 161 2.66 13.59 12.42
CA SER D 161 2.95 14.34 11.21
C SER D 161 1.68 14.44 10.40
N ILE D 162 1.40 15.65 9.90
CA ILE D 162 0.28 15.90 9.01
C ILE D 162 0.81 15.84 7.59
N THR D 163 0.40 14.85 6.81
CA THR D 163 0.92 14.80 5.45
C THR D 163 -0.21 15.13 4.49
N THR D 164 -0.60 14.19 3.66
CA THR D 164 -1.62 14.41 2.65
C THR D 164 -1.95 13.09 1.96
N ILE D 165 -3.15 12.98 1.40
CA ILE D 165 -3.52 11.78 0.67
C ILE D 165 -2.62 11.49 -0.54
N TYR D 166 -1.99 12.52 -1.12
CA TYR D 166 -1.12 12.29 -2.28
C TYR D 166 0.31 11.87 -1.90
N ALA D 167 0.61 11.82 -0.60
CA ALA D 167 1.89 11.32 -0.14
C ALA D 167 2.03 9.85 -0.46
N GLU D 168 0.90 9.15 -0.44
CA GLU D 168 0.89 7.70 -0.64
C GLU D 168 0.79 7.33 -2.14
N THR D 169 0.09 8.14 -2.91
CA THR D 169 -0.20 7.80 -4.29
C THR D 169 0.72 8.54 -5.28
N GLY D 170 1.35 9.62 -4.81
CA GLY D 170 1.88 10.65 -5.69
C GLY D 170 0.79 11.48 -6.36
N SER D 171 1.19 12.60 -6.95
CA SER D 171 0.31 13.38 -7.81
C SER D 171 1.13 14.33 -8.67
N GLY D 172 0.79 14.40 -9.95
CA GLY D 172 1.29 15.50 -10.77
C GLY D 172 0.92 16.83 -10.13
N PHE D 173 1.69 17.86 -10.48
CA PHE D 173 1.40 19.27 -10.16
C PHE D 173 1.74 19.67 -8.73
N VAL D 174 2.02 18.67 -7.89
CA VAL D 174 2.46 18.94 -6.53
C VAL D 174 3.64 17.99 -6.21
N VAL D 175 4.58 17.88 -7.15
CA VAL D 175 5.56 16.79 -7.10
C VAL D 175 6.58 16.85 -5.96
N PRO D 176 7.27 17.97 -5.70
CA PRO D 176 8.18 18.03 -4.56
C PRO D 176 7.46 17.87 -3.23
N SER D 177 6.23 18.38 -3.14
CA SER D 177 5.41 18.20 -1.96
C SER D 177 5.08 16.72 -1.79
N ALA D 178 4.68 16.07 -2.87
CA ALA D 178 4.37 14.65 -2.80
C ALA D 178 5.56 13.85 -2.35
N SER D 179 6.74 14.15 -2.89
CA SER D 179 7.94 13.39 -2.55
C SER D 179 8.34 13.60 -1.11
N ALA D 180 8.33 14.85 -0.69
CA ALA D 180 8.79 15.21 0.63
C ALA D 180 7.83 14.63 1.67
N LYS D 181 6.53 14.70 1.40
CA LYS D 181 5.54 14.17 2.32
C LYS D 181 5.60 12.63 2.44
N ALA D 182 5.91 11.96 1.31
CA ALA D 182 6.09 10.50 1.29
C ALA D 182 7.28 10.14 2.16
N GLY D 183 8.34 10.94 2.05
CA GLY D 183 9.50 10.82 2.89
C GLY D 183 9.15 10.99 4.36
N VAL D 184 8.31 11.96 4.66
CA VAL D 184 7.83 12.12 6.03
C VAL D 184 7.08 10.87 6.58
N GLU D 185 6.23 10.23 5.78
CA GLU D 185 5.52 9.03 6.25
C GLU D 185 6.48 7.86 6.51
N ALA D 186 7.45 7.67 5.63
CA ALA D 186 8.44 6.62 5.82
C ALA D 186 9.24 6.87 7.10
N MSE D 187 9.59 8.12 7.36
CA MSE D 187 10.30 8.47 8.60
C MSE D 187 9.50 8.07 9.82
O MSE D 187 10.04 7.47 10.76
CB MSE D 187 10.62 9.97 8.66
CG MSE D 187 11.56 10.35 9.79
SE MSE D 187 11.37 12.25 10.27
CE MSE D 187 11.40 13.04 8.45
N SER D 188 8.22 8.41 9.83
CA SER D 188 7.31 8.05 10.91
C SER D 188 7.24 6.55 11.15
N LYS D 189 7.10 5.78 10.08
CA LYS D 189 7.01 4.33 10.21
C LYS D 189 8.35 3.78 10.70
N SER D 190 9.45 4.39 10.23
CA SER D 190 10.80 4.02 10.64
C SER D 190 11.01 4.24 12.13
N LEU D 191 10.61 5.41 12.64
CA LEU D 191 10.87 5.74 14.03
C LEU D 191 9.87 5.12 15.02
N ALA D 192 8.65 4.88 14.55
CA ALA D 192 7.72 4.02 15.28
C ALA D 192 8.42 2.69 15.65
N ALA D 193 9.14 2.11 14.68
CA ALA D 193 9.87 0.86 14.90
C ALA D 193 11.10 1.06 15.78
N GLU D 194 11.95 2.02 15.40
CA GLU D 194 13.22 2.23 16.09
C GLU D 194 13.09 2.75 17.52
N TRP D 195 12.17 3.68 17.76
CA TRP D 195 12.18 4.43 19.00
C TRP D 195 11.09 4.07 20.00
N GLY D 196 10.44 2.93 19.76
CA GLY D 196 9.48 2.42 20.71
C GLY D 196 10.14 2.19 22.06
N LYS D 197 11.37 1.69 22.03
CA LYS D 197 12.16 1.42 23.23
C LYS D 197 12.42 2.65 24.10
N TYR D 198 12.23 3.84 23.55
CA TYR D 198 12.41 5.10 24.25
C TYR D 198 11.11 5.79 24.65
N GLY D 199 9.98 5.13 24.42
CA GLY D 199 8.70 5.69 24.80
C GLY D 199 8.13 6.66 23.80
N MSE D 200 8.64 6.63 22.57
CA MSE D 200 8.16 7.49 21.50
C MSE D 200 7.31 6.72 20.50
O MSE D 200 7.74 5.69 19.98
CB MSE D 200 9.34 8.15 20.81
CG MSE D 200 10.04 9.17 21.68
SE MSE D 200 11.43 10.13 20.75
CE MSE D 200 12.95 9.00 21.11
N ARG D 201 6.11 7.21 20.21
CA ARG D 201 5.29 6.63 19.15
C ARG D 201 5.04 7.70 18.05
N PHE D 202 4.76 7.24 16.84
CA PHE D 202 4.71 8.08 15.64
C PHE D 202 3.54 7.67 14.76
N ASN D 203 2.67 8.63 14.46
CA ASN D 203 1.51 8.41 13.62
C ASN D 203 1.34 9.53 12.58
N VAL D 204 0.51 9.26 11.58
CA VAL D 204 0.33 10.18 10.48
C VAL D 204 -1.16 10.36 10.19
N ILE D 205 -1.57 11.63 9.98
CA ILE D 205 -2.85 11.93 9.33
C ILE D 205 -2.60 12.44 7.92
N GLN D 206 -3.33 11.88 6.97
CA GLN D 206 -3.32 12.32 5.57
C GLN D 206 -4.65 12.99 5.26
N PRO D 207 -4.71 14.32 5.35
CA PRO D 207 -5.96 15.02 5.03
C PRO D 207 -6.24 15.18 3.54
N GLY D 208 -7.54 15.15 3.22
CA GLY D 208 -8.04 15.70 1.97
C GLY D 208 -8.27 17.21 2.15
N PRO D 209 -9.10 17.80 1.30
CA PRO D 209 -9.29 19.26 1.30
C PRO D 209 -10.15 19.75 2.48
N ILE D 210 -9.57 20.60 3.31
CA ILE D 210 -10.23 21.14 4.49
C ILE D 210 -10.61 22.60 4.25
N LYS D 211 -11.84 22.97 4.63
CA LYS D 211 -12.30 24.36 4.51
C LYS D 211 -11.52 25.28 5.45
N THR D 212 -10.61 26.07 4.88
CA THR D 212 -9.81 27.03 5.62
C THR D 212 -9.50 28.26 4.75
N LYS D 227 -14.40 24.77 -3.97
CA LYS D 227 -14.48 24.37 -5.38
C LYS D 227 -15.33 23.11 -5.54
N GLU D 228 -15.50 22.65 -6.78
CA GLU D 228 -16.17 21.36 -6.99
C GLU D 228 -15.21 20.16 -7.08
N MSE D 229 -14.22 20.17 -6.18
CA MSE D 229 -13.58 18.96 -5.75
C MSE D 229 -14.58 18.16 -4.89
O MSE D 229 -14.36 16.99 -4.62
CB MSE D 229 -12.32 19.26 -4.92
CG MSE D 229 -12.44 20.49 -4.02
SE MSE D 229 -10.68 21.31 -3.61
CE MSE D 229 -9.96 21.53 -5.50
N ILE D 230 -15.67 18.82 -4.51
CA ILE D 230 -16.72 18.21 -3.68
C ILE D 230 -17.41 17.06 -4.41
N GLY D 231 -17.52 17.18 -5.74
CA GLY D 231 -18.00 16.11 -6.59
C GLY D 231 -17.12 14.86 -6.59
N ARG D 232 -15.93 14.97 -6.00
CA ARG D 232 -15.01 13.85 -5.88
C ARG D 232 -14.90 13.34 -4.43
N ILE D 233 -15.71 13.90 -3.54
CA ILE D 233 -15.72 13.54 -2.13
C ILE D 233 -17.02 12.83 -1.76
N PRO D 234 -16.95 11.52 -1.53
CA PRO D 234 -18.13 10.74 -1.16
C PRO D 234 -18.92 11.33 0.01
N CYS D 235 -18.26 11.97 0.97
CA CYS D 235 -18.98 12.60 2.09
C CYS D 235 -19.67 13.93 1.71
N GLY D 236 -19.37 14.47 0.53
CA GLY D 236 -20.19 15.55 -0.04
C GLY D 236 -19.94 16.96 0.45
N ARG D 237 -18.82 17.17 1.11
CA ARG D 237 -18.42 18.46 1.65
C ARG D 237 -16.91 18.42 1.87
N LEU D 238 -16.31 19.58 2.14
CA LEU D 238 -14.93 19.65 2.60
C LEU D 238 -14.92 19.31 4.09
N GLY D 239 -13.74 18.96 4.62
CA GLY D 239 -13.58 18.71 6.04
C GLY D 239 -13.47 20.02 6.78
N THR D 240 -13.55 19.99 8.10
CA THR D 240 -13.34 21.20 8.88
C THR D 240 -12.12 21.05 9.77
N VAL D 241 -11.51 22.19 10.09
CA VAL D 241 -10.37 22.27 10.99
C VAL D 241 -10.64 21.63 12.36
N GLU D 242 -11.85 21.85 12.88
CA GLU D 242 -12.22 21.31 14.19
C GLU D 242 -12.34 19.79 14.18
N GLU D 243 -12.80 19.23 13.07
CA GLU D 243 -12.87 17.78 12.94
C GLU D 243 -11.46 17.19 12.87
N LEU D 244 -10.60 17.79 12.04
CA LEU D 244 -9.21 17.35 11.98
C LEU D 244 -8.53 17.40 13.34
N ALA D 245 -8.71 18.50 14.06
CA ALA D 245 -8.10 18.67 15.37
C ALA D 245 -8.54 17.62 16.39
N ASN D 246 -9.82 17.21 16.35
CA ASN D 246 -10.29 16.12 17.21
C ASN D 246 -9.51 14.83 16.94
N LEU D 247 -9.28 14.53 15.66
CA LEU D 247 -8.56 13.32 15.28
C LEU D 247 -7.14 13.39 15.76
N ALA D 248 -6.51 14.55 15.59
CA ALA D 248 -5.15 14.79 16.02
C ALA D 248 -5.00 14.67 17.54
N ALA D 249 -5.95 15.27 18.26
CA ALA D 249 -5.95 15.24 19.73
C ALA D 249 -6.05 13.80 20.21
N PHE D 250 -7.00 13.06 19.64
CA PHE D 250 -7.13 11.63 19.95
C PHE D 250 -5.81 10.90 19.75
N LEU D 251 -5.19 11.03 18.57
CA LEU D 251 -3.93 10.33 18.31
C LEU D 251 -2.79 10.74 19.22
N CYS D 252 -2.84 11.98 19.72
CA CYS D 252 -1.81 12.46 20.63
C CYS D 252 -2.15 12.25 22.12
N SER D 253 -3.27 11.60 22.39
CA SER D 253 -3.75 11.36 23.76
C SER D 253 -3.36 9.99 24.29
N ASP D 254 -3.56 9.79 25.59
CA ASP D 254 -3.19 8.53 26.24
C ASP D 254 -4.17 7.41 25.93
N TYR D 255 -5.35 7.79 25.43
CA TYR D 255 -6.29 6.82 24.90
C TYR D 255 -5.72 6.07 23.68
N ALA D 256 -4.72 6.65 23.03
CA ALA D 256 -4.12 6.11 21.83
C ALA D 256 -2.70 5.65 22.07
N SER D 257 -2.37 5.32 23.32
CA SER D 257 -1.03 4.91 23.70
C SER D 257 -0.56 3.62 23.01
N TRP D 258 -1.48 2.85 22.44
CA TRP D 258 -1.11 1.66 21.69
C TRP D 258 -1.23 1.86 20.16
N ILE D 259 -1.47 3.09 19.73
CA ILE D 259 -1.51 3.38 18.30
C ILE D 259 -0.17 3.96 17.91
N ASN D 260 0.52 3.24 17.03
CA ASN D 260 1.91 3.49 16.69
C ASN D 260 2.21 3.01 15.29
N GLY D 261 2.76 3.87 14.44
CA GLY D 261 3.00 3.52 13.05
C GLY D 261 1.76 3.59 12.16
N ALA D 262 0.72 4.22 12.66
CA ALA D 262 -0.54 4.27 11.93
C ALA D 262 -0.57 5.46 10.98
N VAL D 263 -1.28 5.28 9.89
CA VAL D 263 -1.47 6.30 8.87
C VAL D 263 -2.96 6.34 8.67
N ILE D 264 -3.59 7.47 9.01
CA ILE D 264 -5.05 7.61 8.95
C ILE D 264 -5.50 8.67 7.92
N LYS D 265 -6.27 8.24 6.93
CA LYS D 265 -6.87 9.16 5.98
C LYS D 265 -8.00 9.93 6.64
N PHE D 266 -7.90 11.25 6.56
CA PHE D 266 -8.99 12.15 6.94
C PHE D 266 -9.40 12.90 5.66
N ASP D 267 -10.30 12.32 4.86
CA ASP D 267 -10.51 12.85 3.50
C ASP D 267 -11.92 12.74 2.96
N GLY D 268 -12.89 12.39 3.81
CA GLY D 268 -14.28 12.28 3.38
C GLY D 268 -14.51 11.17 2.37
N GLY D 269 -13.52 10.28 2.22
CA GLY D 269 -13.56 9.24 1.22
C GLY D 269 -12.97 9.62 -0.14
N GLU D 270 -12.33 10.77 -0.23
CA GLU D 270 -11.83 11.23 -1.53
C GLU D 270 -10.89 10.25 -2.24
N GLU D 271 -9.91 9.72 -1.51
CA GLU D 271 -8.89 8.88 -2.15
C GLU D 271 -9.48 7.59 -2.67
N VAL D 272 -10.32 6.94 -1.88
CA VAL D 272 -10.92 5.72 -2.39
C VAL D 272 -11.83 6.00 -3.60
N LEU D 273 -12.47 7.16 -3.60
CA LEU D 273 -13.29 7.53 -4.75
C LEU D 273 -12.46 7.67 -6.03
N ILE D 274 -11.52 8.60 -6.02
CA ILE D 274 -10.75 8.89 -7.23
C ILE D 274 -9.85 7.71 -7.68
N SER D 275 -9.38 6.91 -6.72
CA SER D 275 -8.47 5.83 -7.09
C SER D 275 -9.15 4.57 -7.64
N GLY D 276 -10.46 4.45 -7.43
CA GLY D 276 -11.19 3.27 -7.87
C GLY D 276 -11.56 3.35 -9.35
N GLU D 277 -11.10 2.38 -10.12
CA GLU D 277 -11.21 2.44 -11.58
C GLU D 277 -12.60 2.71 -12.14
N PHE D 278 -13.64 2.07 -11.59
CA PHE D 278 -14.99 2.21 -12.14
C PHE D 278 -15.84 3.24 -11.41
N ASN D 279 -15.22 4.01 -10.50
CA ASN D 279 -15.92 5.07 -9.81
C ASN D 279 -16.34 6.24 -10.72
N ASP D 280 -15.85 6.26 -11.95
CA ASP D 280 -16.32 7.23 -12.93
C ASP D 280 -17.70 6.83 -13.49
N LEU D 281 -18.27 5.73 -12.99
CA LEU D 281 -19.64 5.35 -13.35
C LEU D 281 -20.65 5.94 -12.37
N ARG D 282 -20.18 6.77 -11.44
CA ARG D 282 -21.04 7.29 -10.38
C ARG D 282 -22.16 8.27 -10.83
N LYS D 283 -22.06 8.79 -12.05
CA LYS D 283 -23.08 9.73 -12.55
C LYS D 283 -24.15 9.00 -13.36
N VAL D 284 -23.89 7.74 -13.67
CA VAL D 284 -24.83 6.90 -14.40
C VAL D 284 -26.14 6.76 -13.63
N THR D 285 -27.24 7.07 -14.33
CA THR D 285 -28.57 7.12 -13.73
C THR D 285 -29.21 5.73 -13.62
N LYS D 286 -30.19 5.61 -12.71
CA LYS D 286 -30.99 4.39 -12.56
C LYS D 286 -31.43 3.81 -13.92
N GLU D 287 -32.05 4.65 -14.74
CA GLU D 287 -32.55 4.24 -16.05
C GLU D 287 -31.42 3.74 -16.96
N GLN D 288 -30.30 4.47 -16.95
CA GLN D 288 -29.11 4.07 -17.69
C GLN D 288 -28.57 2.71 -17.23
N TRP D 289 -28.67 2.44 -15.92
CA TRP D 289 -28.24 1.14 -15.36
C TRP D 289 -29.12 -0.01 -15.85
N ASP D 290 -30.44 0.21 -15.85
CA ASP D 290 -31.40 -0.74 -16.42
C ASP D 290 -31.00 -1.16 -17.84
N THR D 291 -30.55 -0.18 -18.63
CA THR D 291 -30.10 -0.45 -19.99
C THR D 291 -28.79 -1.26 -20.01
N ILE D 292 -27.80 -0.85 -19.23
CA ILE D 292 -26.50 -1.54 -19.16
C ILE D 292 -26.64 -3.03 -18.81
N GLU D 293 -27.53 -3.33 -17.86
CA GLU D 293 -27.73 -4.72 -17.42
C GLU D 293 -28.32 -5.65 -18.51
N GLU D 294 -28.96 -5.06 -19.52
CA GLU D 294 -29.51 -5.82 -20.66
C GLU D 294 -28.47 -6.16 -21.74
C1 GOL E . 15.02 -20.58 -19.68
O1 GOL E . 15.84 -21.36 -18.83
C2 GOL E . 13.80 -20.06 -18.91
O2 GOL E . 12.99 -19.31 -19.78
C3 GOL E . 12.96 -21.22 -18.39
O3 GOL E . 11.84 -20.68 -17.76
PA NAP F . -12.59 -12.99 -18.37
O1A NAP F . -12.12 -12.14 -17.24
O2A NAP F . -14.09 -12.73 -18.63
O5B NAP F . -12.37 -14.52 -17.89
C5B NAP F . -13.19 -15.57 -18.34
C4B NAP F . -12.34 -16.82 -18.40
O4B NAP F . -12.47 -17.56 -17.19
C3B NAP F . -12.85 -17.71 -19.53
O3B NAP F . -11.75 -18.37 -20.11
C2B NAP F . -13.75 -18.69 -18.81
O2B NAP F . -13.82 -19.90 -19.48
C1B NAP F . -13.08 -18.82 -17.45
N9A NAP F . -14.01 -19.17 -16.36
C8A NAP F . -15.10 -18.48 -15.91
N7A NAP F . -15.65 -19.18 -14.89
C5A NAP F . -14.92 -20.29 -14.69
C6A NAP F . -15.01 -21.33 -13.77
N6A NAP F . -16.02 -21.37 -12.91
N1A NAP F . -14.09 -22.35 -13.81
C2A NAP F . -13.08 -22.34 -14.74
N3A NAP F . -12.98 -21.30 -15.62
C4A NAP F . -13.88 -20.30 -15.60
O3 NAP F . -11.69 -12.83 -19.73
PN NAP F . -10.26 -12.03 -19.88
O1N NAP F . -10.59 -10.61 -20.25
O2N NAP F . -9.34 -12.80 -20.76
O5D NAP F . -9.63 -11.96 -18.38
C5D NAP F . -8.45 -12.61 -17.97
C4D NAP F . -7.99 -12.21 -16.56
O4D NAP F . -7.47 -10.90 -16.51
C3D NAP F . -9.12 -12.25 -15.52
O3D NAP F . -8.61 -12.80 -14.32
C2D NAP F . -9.49 -10.79 -15.32
O2D NAP F . -9.91 -10.62 -14.00
C1D NAP F . -8.19 -10.05 -15.62
N1N NAP F . -8.32 -8.68 -16.18
C2N NAP F . -8.50 -8.43 -17.52
C3N NAP F . -8.59 -7.12 -18.03
C7N NAP F . -9.02 -6.85 -19.44
O7N NAP F . -9.19 -5.51 -19.88
N7N NAP F . -9.24 -7.89 -20.27
C4N NAP F . -8.52 -6.04 -17.14
C5N NAP F . -8.35 -6.30 -15.78
C6N NAP F . -8.25 -7.61 -15.31
P2B NAP F . -15.17 -20.77 -19.51
O1X NAP F . -16.29 -19.92 -19.92
O2X NAP F . -14.91 -21.94 -20.47
O3X NAP F . -15.46 -21.33 -18.11
PA NAP G . 25.78 2.36 -3.60
O1A NAP G . 24.41 2.23 -3.03
O2A NAP G . 26.85 2.52 -2.49
O5B NAP G . 25.77 3.67 -4.56
C5B NAP G . 26.90 4.49 -4.64
C4B NAP G . 26.98 4.93 -6.09
O4B NAP G . 26.41 6.23 -6.18
C3B NAP G . 28.42 5.02 -6.51
O3B NAP G . 28.53 4.67 -7.88
C2B NAP G . 28.72 6.48 -6.32
O2B NAP G . 29.74 6.90 -7.18
C1B NAP G . 27.38 7.15 -6.63
N9A NAP G . 27.19 8.41 -5.91
C8A NAP G . 27.21 8.59 -4.56
N7A NAP G . 27.01 9.88 -4.29
C5A NAP G . 26.85 10.55 -5.44
C6A NAP G . 26.63 11.89 -5.73
N6A NAP G . 26.67 12.82 -4.77
N1A NAP G . 26.51 12.27 -7.05
C2A NAP G . 26.64 11.35 -8.06
N3A NAP G . 26.87 10.02 -7.77
C4A NAP G . 26.97 9.62 -6.48
O3 NAP G . 26.16 1.14 -4.62
PN NAP G . 25.09 0.05 -5.20
O1N NAP G . 24.90 -1.00 -4.16
O2N NAP G . 25.50 -0.35 -6.56
O5D NAP G . 23.70 0.88 -5.31
C5D NAP G . 22.78 0.66 -6.34
C4D NAP G . 21.36 1.12 -5.96
O4D NAP G . 20.59 0.04 -5.44
C3D NAP G . 21.33 2.22 -4.92
O3D NAP G . 20.41 3.19 -5.39
C2D NAP G . 20.82 1.56 -3.66
O2D NAP G . 20.02 2.46 -2.96
C1D NAP G . 20.04 0.34 -4.17
N1N NAP G . 20.08 -0.88 -3.33
C2N NAP G . 21.09 -1.83 -3.48
C3N NAP G . 21.12 -3.00 -2.70
C7N NAP G . 22.40 -3.76 -2.52
O7N NAP G . 22.39 -5.00 -1.82
N7N NAP G . 23.55 -3.26 -3.01
C4N NAP G . 20.09 -3.21 -1.78
C5N NAP G . 19.08 -2.26 -1.64
C6N NAP G . 19.07 -1.11 -2.43
P2B NAP G . 30.76 8.06 -6.74
O1X NAP G . 31.37 7.67 -5.47
O2X NAP G . 31.77 8.24 -7.87
O3X NAP G . 29.98 9.37 -6.54
PA NAP H . -12.81 -14.71 18.00
O1A NAP H . -12.17 -14.35 16.70
O2A NAP H . -12.54 -16.18 18.40
O5B NAP H . -14.41 -14.46 17.89
C5B NAP H . -15.14 -15.07 16.86
C4B NAP H . -16.51 -14.43 16.92
O4B NAP H . -17.13 -14.62 15.67
C3B NAP H . -17.35 -15.12 17.99
O3B NAP H . -18.10 -14.17 18.71
C2B NAP H . -18.23 -16.03 17.17
O2B NAP H . -19.48 -16.18 17.79
C1B NAP H . -18.36 -15.29 15.85
N9A NAP H . -18.61 -16.18 14.71
C8A NAP H . -17.83 -17.20 14.24
N7A NAP H . -18.45 -17.75 13.17
C5A NAP H . -19.61 -17.10 12.96
C6A NAP H . -20.61 -17.24 12.01
N6A NAP H . -20.48 -18.08 10.99
N1A NAP H . -21.70 -16.41 12.04
C2A NAP H . -21.80 -15.43 13.00
N3A NAP H . -20.80 -15.29 13.94
C4A NAP H . -19.72 -16.11 13.91
O3 NAP H . -12.45 -13.67 19.20
PN NAP H . -11.92 -12.14 19.03
O1N NAP H . -10.48 -12.17 19.42
O2N NAP H . -12.86 -11.25 19.75
O5D NAP H . -11.99 -11.76 17.45
C5D NAP H . -12.58 -10.54 17.03
C4D NAP H . -12.09 -10.00 15.67
O4D NAP H . -10.82 -9.38 15.78
C3D NAP H . -11.97 -11.04 14.58
O3D NAP H . -12.49 -10.48 13.38
C2D NAP H . -10.48 -11.27 14.43
O2D NAP H . -10.19 -11.64 13.12
C1D NAP H . -9.90 -9.91 14.83
N1N NAP H . -8.53 -9.90 15.44
C2N NAP H . -8.33 -10.32 16.74
C3N NAP H . -7.05 -10.30 17.33
C7N NAP H . -6.80 -10.89 18.69
O7N NAP H . -5.47 -10.99 19.16
N7N NAP H . -7.85 -11.31 19.42
C4N NAP H . -5.98 -9.81 16.57
C5N NAP H . -6.20 -9.38 15.26
C6N NAP H . -7.49 -9.42 14.71
P2B NAP H . -20.21 -17.63 17.74
O1X NAP H . -19.23 -18.67 18.14
O2X NAP H . -21.41 -17.56 18.69
O3X NAP H . -20.68 -17.89 16.32
C1 GOL I . 12.77 33.63 10.72
O1 GOL I . 12.92 32.34 11.24
C2 GOL I . 13.36 33.68 9.32
O2 GOL I . 13.85 34.98 9.07
C3 GOL I . 14.47 32.65 9.15
O3 GOL I . 14.27 32.07 7.87
PA NAP J . -0.12 26.16 4.95
O1A NAP J . 0.36 24.82 4.48
O2A NAP J . -0.62 27.03 3.76
O5B NAP J . 1.05 26.99 5.71
C5B NAP J . 2.22 26.36 6.17
C4B NAP J . 2.50 26.62 7.64
O4B NAP J . 3.84 26.22 7.85
C3B NAP J . 2.41 28.10 8.04
O3B NAP J . 1.87 28.25 9.34
C2B NAP J . 3.86 28.55 8.01
O2B NAP J . 4.11 29.54 8.96
C1B NAP J . 4.63 27.28 8.33
N9A NAP J . 5.96 27.27 7.69
C8A NAP J . 6.24 27.41 6.36
N7A NAP J . 7.59 27.35 6.20
C5A NAP J . 8.15 27.17 7.40
C6A NAP J . 9.47 27.01 7.81
N6A NAP J . 10.46 27.05 6.93
N1A NAP J . 9.77 26.84 9.14
C2A NAP J . 8.74 26.79 10.06
N3A NAP J . 7.43 26.92 9.65
C4A NAP J . 7.14 27.10 8.34
O3 NAP J . -1.25 25.98 6.11
PN NAP J . -2.24 24.70 6.34
O1N NAP J . -3.21 24.61 5.21
O2N NAP J . -2.74 24.80 7.73
O5D NAP J . -1.28 23.39 6.25
C5D NAP J . -1.15 22.50 7.34
C4D NAP J . -0.62 21.12 6.96
O4D NAP J . -1.65 20.29 6.46
C3D NAP J . 0.47 21.15 5.89
O3D NAP J . 1.44 20.21 6.27
C2D NAP J . -0.23 20.69 4.62
O2D NAP J . 0.67 19.99 3.80
C1D NAP J . -1.36 19.80 5.15
N1N NAP J . -2.60 19.78 4.31
C2N NAP J . -3.55 20.79 4.39
C3N NAP J . -4.72 20.74 3.60
C7N NAP J . -5.73 21.87 3.61
O7N NAP J . -6.91 21.75 2.83
N7N NAP J . -5.48 22.95 4.34
C4N NAP J . -4.92 19.65 2.75
C5N NAP J . -3.95 18.64 2.69
C6N NAP J . -2.80 18.71 3.48
P2B NAP J . 5.13 30.75 8.64
O1X NAP J . 4.71 31.40 7.37
O2X NAP J . 5.00 31.75 9.80
O3X NAP J . 6.54 30.20 8.53
#